data_2SHP
#
_entry.id   2SHP
#
_cell.length_a   45.900
_cell.length_b   214.500
_cell.length_c   55.700
_cell.angle_alpha   90.00
_cell.angle_beta   96.30
_cell.angle_gamma   90.00
#
_symmetry.space_group_name_H-M   'P 1 21 1'
#
loop_
_entity.id
_entity.type
_entity.pdbx_description
1 polymer SHP-2
2 non-polymer DODECANE-TRIMETHYLAMINE
3 water water
#
_entity_poly.entity_id   1
_entity_poly.type   'polypeptide(L)'
_entity_poly.pdbx_seq_one_letter_code
;MKSRRWFHPNITGVEAENLLLTRGVDGSFLARPSKSNPGDLTLSVRRNGAVTHIKIQNTGDYYDLYGGEKFATLAELVQY
YMEHHGQLKEKNGDVIELKYPLNCADPTSERWFHGHLSGKEAEKLLTEKGKHGSFLVRESQSHPGDFVLSVRTGDDKGES
NDGKSKVTHVMIRCQELKYDVGGGERFDSLTDLVEHYKKNPMVETLGTVLQLKQPLNTTRINAAEIESRVRELSKLAETT
DKVKQGFWEEFETLQQQECKLLYSRKEGQRQENKNKNRYKNILPFDHTRVVLHDGDPNEPVSDYINANIIMPEFETKCNN
SKPKKSYIATQGCLQNTVNDFWRMVFQENSRVIVMTTKEVERGKSKCVKYWPDEYALKEYGVMRVRNVKESAAHDYTLRE
LKLSKVGQGNTERTVWQYHFRTWPDHGVPSDPGGVLDFLEEVHHKQESIMDAGPVVVHCSAGIGRTGTFIVIDILIDIIR
EKGVDCDIDVPKTIQMVRSQRSGMVQTEAQYRSIYMAVQHYIETL
;
_entity_poly.pdbx_strand_id   A,B
#
# COMPACT_ATOMS: atom_id res chain seq x y z
N LYS A 2 0.01 17.95 39.53
CA LYS A 2 -0.69 16.62 39.45
C LYS A 2 0.29 15.50 39.00
N SER A 3 0.93 14.84 39.96
CA SER A 3 2.10 13.97 39.70
C SER A 3 1.75 12.56 39.19
N ARG A 4 0.56 12.42 38.60
CA ARG A 4 0.04 11.15 38.13
C ARG A 4 0.03 10.02 39.17
N ARG A 5 0.40 10.35 40.41
CA ARG A 5 0.26 9.40 41.53
C ARG A 5 -1.20 8.96 41.71
N TRP A 6 -2.13 9.85 41.38
CA TRP A 6 -3.57 9.53 41.41
C TRP A 6 -4.01 8.57 40.30
N PHE A 7 -3.13 8.34 39.31
CA PHE A 7 -3.35 7.29 38.32
C PHE A 7 -2.82 5.93 38.78
N HIS A 8 -3.72 4.93 38.83
CA HIS A 8 -3.38 3.58 39.24
C HIS A 8 -3.41 2.60 38.06
N PRO A 9 -2.23 2.19 37.57
CA PRO A 9 -2.15 1.52 36.27
C PRO A 9 -2.76 0.12 36.20
N ASN A 10 -2.73 -0.62 37.30
CA ASN A 10 -3.39 -1.92 37.34
C ASN A 10 -4.27 -2.13 38.58
N ILE A 11 -5.55 -1.78 38.44
CA ILE A 11 -6.50 -1.77 39.57
C ILE A 11 -7.92 -1.99 39.04
N THR A 12 -8.69 -2.81 39.74
CA THR A 12 -10.08 -3.09 39.36
C THR A 12 -11.05 -1.95 39.71
N GLY A 13 -12.29 -2.05 39.21
CA GLY A 13 -13.34 -1.18 39.71
C GLY A 13 -13.62 -1.40 41.18
N VAL A 14 -13.68 -2.67 41.59
CA VAL A 14 -13.94 -3.03 42.99
C VAL A 14 -12.78 -2.58 43.87
N GLU A 15 -11.56 -2.87 43.45
CA GLU A 15 -10.37 -2.39 44.14
C GLU A 15 -10.40 -0.86 44.33
N ALA A 16 -10.76 -0.13 43.27
CA ALA A 16 -10.85 1.33 43.33
C ALA A 16 -11.90 1.83 44.34
N GLU A 17 -13.09 1.23 44.33
CA GLU A 17 -14.12 1.57 45.30
C GLU A 17 -13.66 1.28 46.73
N ASN A 18 -13.15 0.07 46.96
CA ASN A 18 -12.48 -0.29 48.20
C ASN A 18 -11.54 0.82 48.68
N LEU A 19 -10.49 1.05 47.89
CA LEU A 19 -9.47 2.03 48.21
C LEU A 19 -10.04 3.41 48.55
N LEU A 20 -11.02 3.87 47.79
CA LEU A 20 -11.63 5.17 48.05
C LEU A 20 -12.44 5.20 49.35
N LEU A 21 -13.17 4.13 49.63
CA LEU A 21 -13.98 4.07 50.85
C LEU A 21 -13.16 3.89 52.13
N THR A 22 -12.17 3.00 52.09
CA THR A 22 -11.34 2.68 53.25
C THR A 22 -10.14 3.62 53.44
N ARG A 23 -9.50 4.03 52.35
CA ARG A 23 -8.32 4.90 52.44
C ARG A 23 -8.61 6.36 52.05
N GLY A 24 -9.85 6.64 51.66
CA GLY A 24 -10.18 7.98 51.24
C GLY A 24 -11.34 8.62 51.99
N VAL A 25 -11.57 9.88 51.68
CA VAL A 25 -12.71 10.61 52.21
C VAL A 25 -13.50 11.18 51.03
N ASP A 26 -14.62 11.85 51.30
CA ASP A 26 -15.36 12.56 50.25
C ASP A 26 -14.48 13.58 49.55
N GLY A 27 -14.50 13.57 48.23
CA GLY A 27 -13.62 14.42 47.47
C GLY A 27 -12.32 13.73 47.09
N SER A 28 -12.13 12.50 47.56
CA SER A 28 -11.01 11.68 47.09
C SER A 28 -11.29 11.17 45.68
N PHE A 29 -10.22 11.08 44.89
CA PHE A 29 -10.34 10.56 43.53
C PHE A 29 -9.11 9.80 43.07
N LEU A 30 -9.31 8.88 42.14
CA LEU A 30 -8.23 8.27 41.39
C LEU A 30 -8.62 8.05 39.92
N ALA A 31 -7.62 7.94 39.06
CA ALA A 31 -7.84 7.62 37.66
C ALA A 31 -7.27 6.23 37.35
N ARG A 32 -7.97 5.48 36.53
CA ARG A 32 -7.57 4.10 36.21
C ARG A 32 -7.89 3.80 34.75
N PRO A 33 -7.10 2.95 34.10
CA PRO A 33 -7.50 2.44 32.78
C PRO A 33 -8.65 1.45 32.94
N SER A 34 -9.73 1.68 32.19
CA SER A 34 -10.95 0.88 32.36
C SER A 34 -10.83 -0.49 31.71
N LYS A 35 -11.53 -1.47 32.27
CA LYS A 35 -11.74 -2.72 31.56
C LYS A 35 -13.22 -2.99 31.19
N SER A 36 -13.89 -1.95 30.72
CA SER A 36 -15.01 -2.10 29.81
C SER A 36 -14.47 -2.12 28.38
N ASN A 37 -13.23 -1.67 28.22
CA ASN A 37 -12.68 -1.30 26.92
C ASN A 37 -11.33 -0.61 27.08
N PRO A 38 -10.33 -1.00 26.25
CA PRO A 38 -9.01 -0.36 26.18
C PRO A 38 -8.99 0.98 25.43
N GLY A 39 -8.20 1.92 25.94
CA GLY A 39 -8.26 3.29 25.47
C GLY A 39 -9.15 4.18 26.32
N ASP A 40 -10.14 3.57 26.98
CA ASP A 40 -10.99 4.29 27.92
C ASP A 40 -10.43 4.29 29.34
N LEU A 41 -10.47 5.45 29.97
CA LEU A 41 -10.14 5.59 31.39
C LEU A 41 -11.41 5.72 32.21
N THR A 42 -11.27 5.51 33.52
CA THR A 42 -12.34 5.84 34.46
C THR A 42 -11.79 6.73 35.59
N LEU A 43 -12.50 7.83 35.83
CA LEU A 43 -12.22 8.68 36.97
C LEU A 43 -13.15 8.31 38.13
N SER A 44 -12.61 7.64 39.15
CA SER A 44 -13.42 7.18 40.28
C SER A 44 -13.35 8.18 41.45
N VAL A 45 -14.50 8.74 41.82
CA VAL A 45 -14.57 9.81 42.80
C VAL A 45 -15.49 9.44 43.96
N ARG A 46 -15.09 9.79 45.19
CA ARG A 46 -15.96 9.59 46.35
C ARG A 46 -16.76 10.85 46.73
N ARG A 47 -18.07 10.68 46.90
CA ARG A 47 -18.96 11.75 47.34
C ARG A 47 -20.10 11.18 48.17
N ASN A 48 -20.46 11.87 49.25
CA ASN A 48 -21.47 11.37 50.20
C ASN A 48 -21.28 9.90 50.58
N GLY A 49 -20.05 9.53 50.94
CA GLY A 49 -19.79 8.16 51.38
C GLY A 49 -19.98 7.05 50.34
N ALA A 50 -20.29 7.43 49.11
CA ALA A 50 -20.38 6.46 48.02
C ALA A 50 -19.35 6.81 46.94
N VAL A 51 -19.01 5.82 46.11
CA VAL A 51 -18.08 6.05 45.00
C VAL A 51 -18.81 6.09 43.65
N THR A 52 -18.55 7.15 42.88
CA THR A 52 -19.06 7.22 41.52
C THR A 52 -17.93 7.08 40.48
N HIS A 53 -18.27 6.51 39.33
CA HIS A 53 -17.30 6.30 38.25
C HIS A 53 -17.67 7.04 36.99
N ILE A 54 -16.78 7.91 36.53
CA ILE A 54 -16.97 8.71 35.32
C ILE A 54 -16.09 8.19 34.19
N LYS A 55 -16.70 7.96 33.03
CA LYS A 55 -15.97 7.48 31.86
C LYS A 55 -15.21 8.59 31.12
N ILE A 56 -13.99 8.26 30.68
CA ILE A 56 -13.19 9.13 29.82
C ILE A 56 -12.70 8.39 28.57
N GLN A 57 -13.21 8.76 27.40
CA GLN A 57 -12.80 8.12 26.15
C GLN A 57 -11.73 8.91 25.41
N ASN A 58 -10.80 8.20 24.80
CA ASN A 58 -9.91 8.81 23.81
C ASN A 58 -9.80 7.90 22.61
N THR A 59 -10.31 8.36 21.48
CA THR A 59 -10.25 7.56 20.25
C THR A 59 -9.13 8.08 19.34
N GLY A 60 -8.41 9.09 19.81
CA GLY A 60 -7.24 9.50 19.08
C GLY A 60 -7.11 10.99 18.90
N ASP A 61 -8.19 11.72 19.17
CA ASP A 61 -8.19 13.17 18.96
C ASP A 61 -8.04 14.03 20.21
N TYR A 62 -8.58 13.53 21.34
CA TYR A 62 -8.48 14.19 22.65
C TYR A 62 -9.13 13.30 23.70
N TYR A 63 -8.98 13.66 24.97
CA TYR A 63 -9.69 12.99 26.06
C TYR A 63 -11.08 13.60 26.22
N ASP A 64 -12.10 12.74 26.12
CA ASP A 64 -13.48 13.15 26.17
C ASP A 64 -14.13 12.67 27.48
N LEU A 65 -14.19 13.57 28.45
CA LEU A 65 -14.79 13.28 29.76
C LEU A 65 -16.30 13.24 29.63
N TYR A 66 -16.92 12.12 30.01
CA TYR A 66 -18.37 12.00 29.94
C TYR A 66 -19.10 13.01 30.81
N GLY A 67 -19.95 13.82 30.19
CA GLY A 67 -20.67 14.85 30.91
C GLY A 67 -19.82 16.04 31.28
N GLY A 68 -18.59 16.08 30.76
CA GLY A 68 -17.69 17.19 31.01
C GLY A 68 -17.08 17.68 29.71
N GLU A 69 -15.96 18.38 29.82
CA GLU A 69 -15.32 18.91 28.63
C GLU A 69 -14.18 18.03 28.09
N LYS A 70 -13.63 18.43 26.94
CA LYS A 70 -12.55 17.69 26.28
C LYS A 70 -11.16 18.27 26.60
N PHE A 71 -10.18 17.39 26.82
CA PHE A 71 -8.86 17.78 27.31
C PHE A 71 -7.70 17.16 26.53
N ALA A 72 -6.55 17.85 26.55
CA ALA A 72 -5.37 17.40 25.84
C ALA A 72 -4.64 16.24 26.54
N THR A 73 -4.62 16.27 27.87
CA THR A 73 -4.02 15.20 28.70
C THR A 73 -4.86 14.95 29.94
N LEU A 74 -4.61 13.82 30.59
CA LEU A 74 -5.31 13.46 31.82
C LEU A 74 -4.92 14.40 32.97
N ALA A 75 -3.64 14.80 33.01
CA ALA A 75 -3.15 15.76 33.99
C ALA A 75 -3.83 17.11 33.84
N GLU A 76 -3.97 17.57 32.60
CA GLU A 76 -4.65 18.83 32.30
C GLU A 76 -6.14 18.77 32.63
N LEU A 77 -6.75 17.61 32.45
CA LEU A 77 -8.14 17.38 32.89
C LEU A 77 -8.27 17.51 34.41
N VAL A 78 -7.49 16.74 35.15
CA VAL A 78 -7.49 16.77 36.61
C VAL A 78 -7.14 18.17 37.18
N GLN A 79 -6.13 18.82 36.63
CA GLN A 79 -5.77 20.17 37.08
C GLN A 79 -6.93 21.14 36.91
N TYR A 80 -7.62 21.03 35.79
CA TYR A 80 -8.78 21.87 35.51
C TYR A 80 -9.86 21.71 36.58
N TYR A 81 -10.30 20.49 36.81
CA TYR A 81 -11.38 20.26 37.76
C TYR A 81 -10.99 20.44 39.23
N MET A 82 -9.71 20.35 39.53
CA MET A 82 -9.24 20.69 40.87
C MET A 82 -9.27 22.19 41.11
N GLU A 83 -9.35 22.98 40.04
CA GLU A 83 -9.41 24.44 40.16
C GLU A 83 -10.73 25.03 39.65
N HIS A 84 -11.72 24.17 39.44
CA HIS A 84 -13.00 24.60 38.88
C HIS A 84 -14.15 23.77 39.47
N HIS A 85 -14.36 23.90 40.78
CA HIS A 85 -15.45 23.20 41.48
C HIS A 85 -16.80 23.70 40.98
N GLY A 86 -17.79 22.81 41.02
CA GLY A 86 -19.10 23.13 40.49
C GLY A 86 -19.26 22.84 39.01
N GLN A 87 -18.14 22.58 38.32
CA GLN A 87 -18.12 22.33 36.88
C GLN A 87 -18.26 20.85 36.52
N LEU A 88 -17.67 19.97 37.31
CA LEU A 88 -17.82 18.54 37.07
C LEU A 88 -19.15 18.03 37.64
N LYS A 89 -20.08 17.70 36.73
CA LYS A 89 -21.44 17.33 37.13
C LYS A 89 -21.72 15.85 36.97
N GLU A 90 -22.59 15.34 37.82
CA GLU A 90 -23.00 13.93 37.82
C GLU A 90 -24.19 13.75 36.85
N LYS A 91 -25.38 13.50 37.40
CA LYS A 91 -26.60 13.40 36.60
C LYS A 91 -27.29 14.76 36.52
N ASN A 92 -26.82 15.57 35.57
CA ASN A 92 -27.23 16.97 35.41
C ASN A 92 -26.93 17.80 36.67
N GLY A 93 -26.08 18.82 36.54
CA GLY A 93 -25.91 19.80 37.60
C GLY A 93 -25.13 19.31 38.81
N ASP A 94 -25.47 18.11 39.28
CA ASP A 94 -24.84 17.46 40.43
C ASP A 94 -23.32 17.62 40.47
N VAL A 95 -22.85 18.63 41.21
CA VAL A 95 -21.42 18.87 41.31
C VAL A 95 -20.67 17.73 42.01
N ILE A 96 -19.80 17.08 41.25
CA ILE A 96 -18.81 16.16 41.79
C ILE A 96 -17.51 16.92 42.00
N GLU A 97 -16.93 16.78 43.20
CA GLU A 97 -15.73 17.54 43.56
C GLU A 97 -14.47 16.69 43.58
N LEU A 98 -13.45 17.18 42.88
CA LEU A 98 -12.12 16.56 42.89
C LEU A 98 -11.24 17.31 43.87
N LYS A 99 -11.10 16.76 45.06
CA LYS A 99 -10.44 17.46 46.16
C LYS A 99 -9.08 16.87 46.52
N TYR A 100 -9.06 15.55 46.77
CA TYR A 100 -7.92 14.86 47.37
C TYR A 100 -7.46 13.67 46.53
N PRO A 101 -6.31 13.79 45.86
CA PRO A 101 -5.76 12.69 45.06
C PRO A 101 -5.35 11.48 45.89
N LEU A 102 -5.99 10.35 45.68
CA LEU A 102 -5.64 9.09 46.35
C LEU A 102 -4.43 8.46 45.61
N ASN A 103 -3.24 8.65 46.15
CA ASN A 103 -2.01 8.22 45.47
C ASN A 103 -1.80 6.71 45.34
N CYS A 104 -1.01 6.33 44.35
CA CYS A 104 -0.68 4.93 44.08
C CYS A 104 0.68 4.54 44.66
N ALA A 105 0.76 3.37 45.28
CA ALA A 105 2.01 2.85 45.83
C ALA A 105 2.82 2.00 44.82
N ASP A 106 2.13 1.53 43.77
CA ASP A 106 2.74 0.72 42.71
C ASP A 106 3.88 1.45 41.98
N PRO A 107 5.07 0.81 41.91
CA PRO A 107 6.21 1.44 41.23
C PRO A 107 6.32 1.11 39.75
N THR A 108 5.38 0.30 39.25
CA THR A 108 5.55 -0.38 37.96
C THR A 108 5.85 0.58 36.82
N SER A 109 5.14 1.72 36.79
CA SER A 109 5.30 2.69 35.70
C SER A 109 6.34 3.76 36.01
N GLU A 110 7.22 3.48 36.96
CA GLU A 110 8.32 4.39 37.27
C GLU A 110 9.51 4.09 36.35
N ARG A 111 10.18 5.15 35.92
CA ARG A 111 11.31 5.02 35.01
C ARG A 111 12.46 4.21 35.62
N TRP A 112 12.61 4.32 36.94
CA TRP A 112 13.68 3.63 37.68
C TRP A 112 13.36 2.21 38.12
N PHE A 113 12.09 1.83 38.17
CA PHE A 113 11.72 0.49 38.60
C PHE A 113 11.82 -0.56 37.49
N HIS A 114 12.53 -1.65 37.78
CA HIS A 114 12.64 -2.75 36.83
C HIS A 114 12.10 -4.05 37.40
N GLY A 115 12.43 -4.36 38.65
CA GLY A 115 12.17 -5.69 39.17
C GLY A 115 12.74 -6.78 38.27
N HIS A 116 12.38 -8.03 38.53
CA HIS A 116 12.85 -9.16 37.71
C HIS A 116 14.29 -9.00 37.14
N LEU A 117 15.18 -8.44 37.95
CA LEU A 117 16.51 -8.04 37.46
C LEU A 117 17.61 -8.41 38.45
N SER A 118 18.68 -9.04 37.95
CA SER A 118 19.75 -9.55 38.80
C SER A 118 20.79 -8.48 39.11
N GLY A 119 21.60 -8.72 40.13
CA GLY A 119 22.62 -7.76 40.53
C GLY A 119 23.68 -7.53 39.49
N LYS A 120 24.09 -8.61 38.83
CA LYS A 120 25.14 -8.55 37.82
C LYS A 120 24.58 -8.03 36.48
N GLU A 121 23.31 -8.31 36.22
CA GLU A 121 22.67 -7.76 35.03
C GLU A 121 22.40 -6.26 35.17
N ALA A 122 21.95 -5.86 36.36
CA ALA A 122 21.82 -4.45 36.69
C ALA A 122 23.15 -3.74 36.48
N GLU A 123 24.24 -4.40 36.85
CA GLU A 123 25.58 -3.86 36.68
C GLU A 123 25.94 -3.73 35.19
N LYS A 124 25.58 -4.75 34.42
CA LYS A 124 25.80 -4.76 32.96
C LYS A 124 25.19 -3.50 32.36
N LEU A 125 23.88 -3.36 32.58
CA LEU A 125 23.09 -2.24 32.08
C LEU A 125 23.61 -0.87 32.54
N LEU A 126 23.90 -0.75 33.84
CA LEU A 126 24.46 0.48 34.38
C LEU A 126 25.85 0.77 33.81
N THR A 127 26.60 -0.28 33.47
CA THR A 127 27.91 -0.07 32.84
C THR A 127 27.77 0.20 31.35
N GLU A 128 26.74 -0.37 30.76
CA GLU A 128 26.48 -0.26 29.32
C GLU A 128 25.92 1.11 28.92
N LYS A 129 24.83 1.51 29.56
CA LYS A 129 24.10 2.72 29.19
C LYS A 129 24.20 3.83 30.26
N GLY A 130 24.60 3.46 31.47
CA GLY A 130 24.50 4.38 32.59
C GLY A 130 25.60 5.44 32.66
N LYS A 131 25.36 6.46 33.48
CA LYS A 131 26.37 7.47 33.80
C LYS A 131 26.30 7.80 35.30
N HIS A 132 27.14 8.73 35.76
CA HIS A 132 27.07 9.16 37.16
C HIS A 132 25.65 9.57 37.56
N GLY A 133 25.17 9.01 38.66
CA GLY A 133 23.85 9.37 39.17
C GLY A 133 22.75 8.52 38.59
N SER A 134 23.06 7.73 37.57
CA SER A 134 22.07 6.81 37.02
C SER A 134 21.72 5.74 38.04
N PHE A 135 20.44 5.44 38.18
CA PHE A 135 20.04 4.45 39.17
C PHE A 135 18.86 3.60 38.71
N LEU A 136 18.52 2.61 39.52
CA LEU A 136 17.36 1.76 39.27
C LEU A 136 17.01 0.98 40.54
N VAL A 137 15.77 0.53 40.63
CA VAL A 137 15.34 -0.29 41.75
C VAL A 137 14.83 -1.63 41.20
N ARG A 138 15.40 -2.71 41.72
CA ARG A 138 15.08 -4.06 41.26
C ARG A 138 14.61 -4.88 42.44
N GLU A 139 13.95 -5.99 42.16
CA GLU A 139 13.53 -6.92 43.20
C GLU A 139 14.75 -7.72 43.67
N SER A 140 14.80 -8.02 44.96
CA SER A 140 15.90 -8.79 45.55
C SER A 140 15.71 -10.28 45.31
N GLN A 141 16.69 -10.89 44.63
CA GLN A 141 16.67 -12.32 44.30
C GLN A 141 17.15 -13.13 45.51
N SER A 142 17.97 -12.47 46.33
CA SER A 142 18.29 -12.93 47.68
C SER A 142 17.02 -13.14 48.53
N HIS A 143 16.65 -12.14 49.35
CA HIS A 143 15.50 -12.29 50.24
C HIS A 143 14.21 -11.77 49.61
N PRO A 144 13.29 -12.68 49.24
CA PRO A 144 12.21 -12.40 48.29
C PRO A 144 11.12 -11.48 48.84
N GLY A 145 11.01 -10.29 48.27
CA GLY A 145 10.10 -9.29 48.81
C GLY A 145 10.83 -7.99 49.05
N ASP A 146 12.12 -8.10 49.33
CA ASP A 146 13.01 -6.95 49.43
C ASP A 146 13.31 -6.37 48.05
N PHE A 147 13.91 -5.18 48.05
CA PHE A 147 14.28 -4.53 46.81
C PHE A 147 15.72 -4.06 46.88
N VAL A 148 16.29 -3.68 45.75
CA VAL A 148 17.65 -3.18 45.73
C VAL A 148 17.73 -1.92 44.87
N LEU A 149 18.40 -0.90 45.42
CA LEU A 149 18.68 0.30 44.68
C LEU A 149 20.11 0.23 44.18
N SER A 150 20.30 0.09 42.88
CA SER A 150 21.65 0.07 42.31
C SER A 150 21.98 1.43 41.70
N VAL A 151 23.14 1.97 42.04
CA VAL A 151 23.49 3.31 41.60
C VAL A 151 24.88 3.36 40.98
N ARG A 152 24.98 4.05 39.85
CA ARG A 152 26.27 4.32 39.22
C ARG A 152 26.85 5.61 39.77
N THR A 153 28.01 5.52 40.41
CA THR A 153 28.75 6.71 40.81
C THR A 153 30.01 6.80 39.98
N GLY A 154 30.31 7.98 39.47
CA GLY A 154 31.34 8.09 38.45
C GLY A 154 31.99 9.45 38.37
N ASP A 155 32.83 9.59 37.36
CA ASP A 155 33.82 10.67 37.26
C ASP A 155 34.60 10.89 38.54
N ASN A 161 36.09 12.99 30.52
CA ASN A 161 34.88 12.11 30.39
C ASN A 161 34.22 11.87 31.76
N ASP A 162 33.06 11.22 31.76
CA ASP A 162 32.41 10.79 33.01
C ASP A 162 33.17 9.57 33.59
N GLY A 163 34.19 9.86 34.39
CA GLY A 163 35.12 8.84 34.86
C GLY A 163 34.43 7.62 35.44
N LYS A 164 34.07 6.68 34.56
CA LYS A 164 33.24 5.50 34.85
C LYS A 164 33.06 5.14 36.33
N SER A 165 34.11 4.55 36.91
CA SER A 165 34.17 4.20 38.34
C SER A 165 33.33 3.00 38.80
N LYS A 166 32.14 3.22 39.33
CA LYS A 166 31.59 2.28 40.32
C LYS A 166 30.07 2.11 40.31
N VAL A 167 29.60 0.93 40.70
CA VAL A 167 28.19 0.71 40.97
C VAL A 167 28.00 0.22 42.42
N THR A 168 27.02 0.80 43.13
CA THR A 168 26.73 0.44 44.51
C THR A 168 25.32 -0.14 44.60
N HIS A 169 25.14 -1.17 45.42
CA HIS A 169 23.81 -1.70 45.69
C HIS A 169 23.40 -1.44 47.14
N VAL A 170 22.23 -0.84 47.31
CA VAL A 170 21.67 -0.54 48.61
C VAL A 170 20.45 -1.41 48.87
N MET A 171 20.55 -2.30 49.85
CA MET A 171 19.41 -3.11 50.26
C MET A 171 18.22 -2.22 50.60
N ILE A 172 17.03 -2.55 50.09
CA ILE A 172 15.80 -1.94 50.59
C ILE A 172 14.95 -3.04 51.20
N ARG A 173 14.72 -2.93 52.50
CA ARG A 173 13.95 -3.91 53.27
C ARG A 173 12.45 -3.59 53.20
N CYS A 174 11.62 -4.63 53.09
CA CYS A 174 10.18 -4.43 53.15
C CYS A 174 9.60 -5.16 54.34
N GLN A 175 9.21 -4.39 55.37
CA GLN A 175 8.68 -4.96 56.60
C GLN A 175 7.31 -4.34 56.89
N GLU A 176 6.33 -5.19 57.22
CA GLU A 176 4.94 -4.76 57.40
C GLU A 176 4.49 -3.73 56.34
N LEU A 177 4.76 -4.05 55.08
CA LEU A 177 4.37 -3.21 53.94
C LEU A 177 4.89 -1.77 53.99
N LYS A 178 6.04 -1.58 54.63
CA LYS A 178 6.79 -0.32 54.55
C LYS A 178 8.24 -0.59 54.15
N TYR A 179 8.91 0.42 53.61
CA TYR A 179 10.25 0.22 53.06
C TYR A 179 11.29 1.10 53.76
N ASP A 180 12.49 0.55 53.97
CA ASP A 180 13.60 1.29 54.53
C ASP A 180 14.95 0.78 54.00
N VAL A 181 16.00 1.58 54.18
CA VAL A 181 17.34 1.19 53.72
C VAL A 181 18.25 0.66 54.84
N GLY A 182 17.65 0.05 55.86
CA GLY A 182 18.45 -0.47 56.97
C GLY A 182 18.33 0.27 58.30
N GLY A 183 17.81 1.49 58.25
CA GLY A 183 17.59 2.29 59.46
C GLY A 183 16.93 3.61 59.09
N GLY A 184 16.50 4.38 60.09
CA GLY A 184 15.93 5.69 59.82
C GLY A 184 14.43 5.69 59.52
N GLU A 185 14.03 6.44 58.49
CA GLU A 185 12.62 6.53 58.14
C GLU A 185 12.07 5.28 57.41
N ARG A 186 10.81 4.96 57.65
CA ARG A 186 10.13 3.88 56.95
C ARG A 186 9.04 4.45 56.04
N PHE A 187 9.20 4.27 54.73
CA PHE A 187 8.28 4.84 53.74
C PHE A 187 7.17 3.88 53.30
N ASP A 188 6.02 4.44 52.95
CA ASP A 188 4.86 3.64 52.57
C ASP A 188 4.96 3.07 51.16
N SER A 189 5.89 3.61 50.37
CA SER A 189 6.05 3.22 48.97
C SER A 189 7.51 3.32 48.53
N LEU A 190 7.88 2.52 47.54
CA LEU A 190 9.17 2.64 46.89
C LEU A 190 9.42 4.06 46.34
N THR A 191 8.39 4.63 45.73
CA THR A 191 8.49 6.00 45.19
C THR A 191 8.85 7.03 46.26
N ASP A 192 8.24 6.90 47.44
CA ASP A 192 8.54 7.80 48.55
C ASP A 192 9.98 7.62 49.04
N LEU A 193 10.42 6.36 49.12
CA LEU A 193 11.82 6.06 49.42
C LEU A 193 12.76 6.73 48.43
N VAL A 194 12.50 6.53 47.13
CA VAL A 194 13.34 7.09 46.07
C VAL A 194 13.33 8.62 46.05
N GLU A 195 12.14 9.21 46.19
CA GLU A 195 12.04 10.66 46.22
C GLU A 195 12.81 11.28 47.39
N HIS A 196 12.73 10.62 48.55
CA HIS A 196 13.41 11.06 49.77
C HIS A 196 14.94 11.02 49.64
N TYR A 197 15.45 9.95 49.05
CA TYR A 197 16.89 9.81 48.87
C TYR A 197 17.37 10.43 47.56
N LYS A 198 16.43 10.87 46.72
CA LYS A 198 16.76 11.84 45.67
C LYS A 198 17.07 13.23 46.22
N LYS A 199 16.35 13.66 47.25
CA LYS A 199 16.58 14.96 47.89
C LYS A 199 17.63 14.89 49.00
N ASN A 200 17.72 13.74 49.65
CA ASN A 200 18.69 13.55 50.74
C ASN A 200 19.62 12.37 50.44
N PRO A 201 20.61 12.58 49.55
CA PRO A 201 21.43 11.47 49.06
C PRO A 201 22.18 10.74 50.19
N MET A 202 21.97 9.42 50.29
CA MET A 202 22.75 8.56 51.16
C MET A 202 24.25 8.79 50.98
N VAL A 203 24.98 8.95 52.08
CA VAL A 203 26.43 9.08 52.04
C VAL A 203 27.15 7.84 52.59
N GLU A 204 28.14 7.35 51.85
CA GLU A 204 28.92 6.19 52.26
C GLU A 204 29.88 6.55 53.39
N THR A 205 29.95 5.71 54.42
CA THR A 205 31.06 5.78 55.38
C THR A 205 32.38 5.61 54.63
N LEU A 206 32.88 6.74 54.15
CA LEU A 206 34.16 6.90 53.47
C LEU A 206 34.10 8.15 52.59
N GLY A 207 32.88 8.62 52.31
CA GLY A 207 32.70 9.93 51.71
C GLY A 207 31.77 10.00 50.51
N THR A 208 31.71 8.92 49.75
CA THR A 208 30.97 8.90 48.49
C THR A 208 29.48 9.22 48.65
N VAL A 209 29.00 10.18 47.87
CA VAL A 209 27.58 10.56 47.91
C VAL A 209 26.80 9.83 46.82
N LEU A 210 25.91 8.95 47.25
CA LEU A 210 25.10 8.14 46.34
C LEU A 210 23.96 8.94 45.70
N GLN A 211 24.32 9.83 44.78
CA GLN A 211 23.34 10.69 44.11
C GLN A 211 22.46 9.96 43.12
N LEU A 212 21.14 10.06 43.34
CA LEU A 212 20.14 9.57 42.40
C LEU A 212 19.70 10.69 41.42
N LYS A 213 20.42 10.85 40.31
CA LYS A 213 20.16 11.93 39.34
C LYS A 213 19.07 11.58 38.33
N GLN A 214 19.25 10.49 37.60
CA GLN A 214 18.30 10.10 36.57
C GLN A 214 18.15 8.57 36.52
N PRO A 215 16.95 8.06 36.16
CA PRO A 215 16.81 6.61 36.03
C PRO A 215 17.61 6.04 34.87
N LEU A 216 17.92 4.76 34.96
CA LEU A 216 18.55 4.03 33.85
C LEU A 216 17.64 4.03 32.62
N ASN A 217 18.19 4.47 31.50
CA ASN A 217 17.47 4.49 30.22
C ASN A 217 17.25 3.09 29.69
N THR A 218 15.99 2.70 29.51
CA THR A 218 15.69 1.36 28.99
C THR A 218 14.93 1.34 27.66
N THR A 219 14.82 2.50 27.00
CA THR A 219 13.91 2.61 25.86
C THR A 219 14.64 2.99 24.60
N ARG A 220 15.77 3.65 24.75
CA ARG A 220 16.62 3.99 23.62
C ARG A 220 17.17 2.71 22.99
N ILE A 221 17.00 2.57 21.68
CA ILE A 221 17.56 1.45 20.94
C ILE A 221 18.43 1.91 19.79
N ASN A 222 19.13 0.95 19.20
CA ASN A 222 19.76 1.15 17.91
C ASN A 222 18.69 0.98 16.83
N ALA A 223 18.55 1.96 15.93
CA ALA A 223 17.51 1.93 14.91
C ALA A 223 17.54 0.63 14.10
N ALA A 224 18.73 0.20 13.71
CA ALA A 224 18.96 -1.11 13.07
C ALA A 224 18.33 -2.30 13.79
N GLU A 225 18.12 -2.17 15.11
CA GLU A 225 17.54 -3.26 15.89
C GLU A 225 16.05 -3.14 16.24
N ILE A 226 15.38 -2.13 15.67
CA ILE A 226 14.00 -1.83 16.04
C ILE A 226 13.07 -3.03 15.86
N GLU A 227 13.37 -3.87 14.87
CA GLU A 227 12.54 -5.05 14.62
C GLU A 227 12.55 -6.01 15.80
N SER A 228 13.73 -6.17 16.41
CA SER A 228 13.86 -7.05 17.56
C SER A 228 13.13 -6.45 18.76
N ARG A 229 13.30 -5.14 18.92
CA ARG A 229 12.55 -4.37 19.90
C ARG A 229 11.03 -4.50 19.75
N VAL A 230 10.54 -4.34 18.52
CA VAL A 230 9.11 -4.43 18.26
C VAL A 230 8.60 -5.82 18.63
N ARG A 231 9.40 -6.84 18.29
CA ARG A 231 9.07 -8.22 18.65
C ARG A 231 8.94 -8.38 20.17
N GLU A 232 9.91 -7.82 20.89
CA GLU A 232 9.92 -7.82 22.36
C GLU A 232 8.67 -7.13 22.95
N LEU A 233 8.28 -6.02 22.33
CA LEU A 233 7.15 -5.24 22.81
C LEU A 233 5.77 -5.76 22.38
N SER A 234 5.73 -6.52 21.28
CA SER A 234 4.47 -6.98 20.70
C SER A 234 3.80 -8.10 21.48
N LYS A 235 4.59 -8.96 22.10
CA LYS A 235 4.07 -9.92 23.08
C LYS A 235 4.61 -9.52 24.46
N GLY A 246 3.85 -5.64 25.59
CA GLY A 246 4.39 -4.57 26.49
C GLY A 246 4.57 -3.17 25.85
N PHE A 247 4.05 -2.96 24.64
CA PHE A 247 3.86 -1.59 24.12
C PHE A 247 3.05 -0.75 25.13
N TRP A 248 2.07 -1.39 25.75
CA TRP A 248 1.19 -0.75 26.72
C TRP A 248 1.93 -0.23 27.95
N GLU A 249 2.86 -1.03 28.45
CA GLU A 249 3.67 -0.65 29.61
C GLU A 249 4.56 0.55 29.34
N GLU A 250 5.23 0.55 28.19
CA GLU A 250 6.11 1.64 27.79
C GLU A 250 5.34 2.94 27.54
N PHE A 251 4.09 2.82 27.09
CA PHE A 251 3.20 3.96 26.91
C PHE A 251 2.77 4.56 28.26
N GLU A 252 2.37 3.71 29.20
CA GLU A 252 1.92 4.18 30.50
C GLU A 252 3.03 4.83 31.30
N THR A 253 4.25 4.34 31.11
CA THR A 253 5.43 4.92 31.75
C THR A 253 5.78 6.29 31.14
N LEU A 254 5.46 6.48 29.87
CA LEU A 254 5.53 7.81 29.26
C LEU A 254 4.39 8.72 29.74
N GLN A 255 3.17 8.19 29.83
CA GLN A 255 2.04 8.98 30.29
C GLN A 255 2.27 9.58 31.67
N GLN A 256 2.78 8.78 32.60
CA GLN A 256 3.05 9.19 33.99
C GLN A 256 3.93 10.44 34.10
N GLN A 257 4.68 10.74 33.05
CA GLN A 257 5.57 11.89 33.03
C GLN A 257 4.94 13.20 32.54
N GLU A 258 3.67 13.15 32.14
CA GLU A 258 2.99 14.32 31.61
C GLU A 258 2.70 15.36 32.69
N CYS A 259 2.71 14.93 33.94
CA CYS A 259 2.56 15.83 35.08
C CYS A 259 3.64 16.90 35.12
N LYS A 260 4.78 16.63 34.48
CA LYS A 260 5.87 17.60 34.35
C LYS A 260 5.58 18.71 33.34
N LEU A 261 4.52 18.55 32.55
CA LEU A 261 4.33 19.40 31.39
C LEU A 261 3.12 20.33 31.49
N LEU A 262 2.72 20.64 32.72
CA LEU A 262 1.56 21.50 32.95
C LEU A 262 1.96 22.98 32.87
N TYR A 263 2.49 23.38 31.71
CA TYR A 263 2.92 24.77 31.50
C TYR A 263 1.72 25.67 31.28
N SER A 264 1.94 26.97 31.39
CA SER A 264 0.84 27.92 31.35
C SER A 264 0.31 28.12 29.94
N ARG A 265 -1.00 28.27 29.85
CA ARG A 265 -1.67 28.55 28.58
C ARG A 265 -2.62 29.75 28.75
N LYS A 266 -2.09 30.84 29.32
CA LYS A 266 -2.89 32.02 29.65
C LYS A 266 -3.55 32.68 28.44
N GLU A 267 -2.76 32.97 27.42
CA GLU A 267 -3.27 33.65 26.24
C GLU A 267 -4.48 32.95 25.62
N GLY A 268 -4.41 31.63 25.53
CA GLY A 268 -5.51 30.89 24.94
C GLY A 268 -6.75 30.93 25.79
N GLN A 269 -6.57 31.30 27.05
CA GLN A 269 -7.66 31.37 28.01
C GLN A 269 -8.36 32.73 28.03
N ARG A 270 -7.74 33.73 27.41
CA ARG A 270 -8.28 35.09 27.40
C ARG A 270 -9.62 35.17 26.68
N GLN A 271 -10.45 36.12 27.09
CA GLN A 271 -11.81 36.24 26.59
C GLN A 271 -11.86 36.45 25.07
N GLU A 272 -10.99 37.31 24.57
CA GLU A 272 -10.91 37.61 23.15
C GLU A 272 -10.47 36.41 22.29
N ASN A 273 -9.88 35.40 22.94
CA ASN A 273 -9.31 34.24 22.25
C ASN A 273 -10.13 32.97 22.40
N LYS A 274 -11.11 32.99 23.29
CA LYS A 274 -11.87 31.79 23.62
C LYS A 274 -12.43 31.09 22.38
N ASN A 275 -13.11 31.85 21.53
CA ASN A 275 -13.75 31.25 20.37
C ASN A 275 -12.82 31.09 19.16
N LYS A 276 -11.53 31.41 19.32
CA LYS A 276 -10.51 31.07 18.35
C LYS A 276 -9.96 29.66 18.57
N ASN A 277 -10.47 28.99 19.59
CA ASN A 277 -10.12 27.61 19.92
C ASN A 277 -11.24 26.67 19.52
N ARG A 278 -10.88 25.59 18.84
CA ARG A 278 -11.87 24.57 18.48
C ARG A 278 -12.39 23.84 19.71
N TYR A 279 -11.52 23.61 20.68
CA TYR A 279 -11.91 23.04 21.95
C TYR A 279 -11.40 23.92 23.10
N LYS A 280 -12.36 24.47 23.84
CA LYS A 280 -12.12 25.42 24.93
C LYS A 280 -10.88 25.12 25.81
N ASN A 281 -10.68 23.86 26.15
CA ASN A 281 -9.62 23.46 27.07
C ASN A 281 -8.39 22.87 26.41
N ILE A 282 -8.35 22.85 25.08
CA ILE A 282 -7.16 22.39 24.39
C ILE A 282 -6.45 23.58 23.79
N LEU A 283 -5.43 24.04 24.52
CA LEU A 283 -4.78 25.32 24.26
C LEU A 283 -3.28 25.18 24.00
N PRO A 284 -2.68 26.16 23.31
CA PRO A 284 -1.23 26.21 23.11
C PRO A 284 -0.48 26.75 24.34
N PHE A 285 0.68 26.17 24.64
CA PHE A 285 1.54 26.71 25.70
C PHE A 285 1.95 28.14 25.35
N ASP A 286 1.95 29.02 26.34
CA ASP A 286 2.41 30.39 26.13
C ASP A 286 3.83 30.45 25.61
N HIS A 287 4.70 29.60 26.13
CA HIS A 287 6.12 29.70 25.82
C HIS A 287 6.52 29.21 24.41
N THR A 288 5.62 28.47 23.75
CA THR A 288 5.85 28.04 22.35
C THR A 288 4.75 28.42 21.35
N ARG A 289 3.69 29.08 21.81
CA ARG A 289 2.58 29.52 20.95
C ARG A 289 3.13 30.34 19.77
N VAL A 290 2.51 30.20 18.60
CA VAL A 290 2.81 31.09 17.49
C VAL A 290 2.16 32.47 17.70
N VAL A 291 3.00 33.50 17.77
CA VAL A 291 2.56 34.88 18.02
C VAL A 291 2.47 35.70 16.72
N LEU A 292 1.28 36.16 16.39
CA LEU A 292 1.06 36.87 15.14
C LEU A 292 1.30 38.37 15.31
N HIS A 293 2.30 38.88 14.59
CA HIS A 293 2.70 40.28 14.72
C HIS A 293 2.06 41.17 13.65
N ASP A 294 1.09 40.60 12.93
CA ASP A 294 0.53 41.26 11.77
C ASP A 294 -0.56 42.29 12.18
N SER A 302 -4.35 41.57 16.07
CA SER A 302 -4.43 40.65 17.24
C SER A 302 -3.52 39.44 17.03
N ASP A 303 -2.99 38.89 18.13
CA ASP A 303 -1.74 38.13 18.08
C ASP A 303 -1.85 36.60 18.28
N TYR A 304 -3.07 36.08 18.25
CA TYR A 304 -3.31 34.73 18.69
C TYR A 304 -3.74 33.76 17.60
N ILE A 305 -3.21 32.55 17.67
CA ILE A 305 -3.75 31.40 16.94
C ILE A 305 -3.40 30.14 17.74
N ASN A 306 -4.35 29.21 17.83
CA ASN A 306 -4.12 27.94 18.51
C ASN A 306 -3.12 27.04 17.74
N ALA A 307 -1.84 27.35 17.91
CA ALA A 307 -0.73 26.71 17.21
C ALA A 307 0.57 26.89 18.00
N ASN A 308 1.46 25.90 17.91
CA ASN A 308 2.76 25.94 18.59
C ASN A 308 3.90 25.62 17.62
N ILE A 309 5.04 26.30 17.78
CA ILE A 309 6.28 25.91 17.10
C ILE A 309 6.80 24.61 17.73
N ILE A 310 7.04 23.59 16.92
CA ILE A 310 7.75 22.42 17.38
C ILE A 310 9.19 22.38 16.85
N MET A 311 10.13 22.72 17.73
CA MET A 311 11.55 22.62 17.46
C MET A 311 12.11 21.31 18.04
N PRO A 312 12.58 20.39 17.17
CA PRO A 312 13.20 19.13 17.59
C PRO A 312 14.50 19.31 18.41
N LYS A 324 16.86 21.10 12.42
CA LYS A 324 16.79 22.16 11.35
C LYS A 324 15.38 22.30 10.73
N LYS A 325 14.76 21.19 10.34
CA LYS A 325 13.33 21.22 10.03
C LYS A 325 12.55 21.41 11.33
N SER A 326 11.70 22.42 11.37
CA SER A 326 10.76 22.57 12.46
C SER A 326 9.34 22.48 11.95
N TYR A 327 8.38 22.41 12.88
CA TYR A 327 6.98 22.26 12.55
C TYR A 327 6.17 23.34 13.27
N ILE A 328 5.02 23.68 12.72
CA ILE A 328 3.98 24.34 13.50
C ILE A 328 2.85 23.33 13.60
N ALA A 329 2.51 22.92 14.82
CA ALA A 329 1.40 21.99 15.00
C ALA A 329 0.19 22.82 15.35
N THR A 330 -0.89 22.64 14.60
CA THR A 330 -2.06 23.49 14.78
C THR A 330 -3.38 22.76 14.59
N GLN A 331 -4.48 23.40 14.97
CA GLN A 331 -5.81 22.79 14.80
C GLN A 331 -6.33 23.02 13.37
N GLY A 332 -7.40 22.34 12.99
CA GLY A 332 -8.07 22.69 11.76
C GLY A 332 -8.73 24.05 11.90
N CYS A 333 -8.74 24.84 10.84
CA CYS A 333 -9.42 26.14 10.86
C CYS A 333 -10.87 26.08 11.30
N LEU A 334 -11.26 27.07 12.11
CA LEU A 334 -12.67 27.43 12.27
C LEU A 334 -12.95 28.56 11.28
N GLN A 335 -14.22 28.82 10.96
CA GLN A 335 -14.50 29.86 9.95
C GLN A 335 -13.93 31.22 10.34
N ASN A 336 -13.82 31.47 11.64
CA ASN A 336 -13.29 32.73 12.12
C ASN A 336 -11.77 32.72 12.39
N THR A 337 -11.08 31.64 12.03
CA THR A 337 -9.62 31.62 12.15
C THR A 337 -8.88 31.37 10.83
N VAL A 338 -9.65 31.19 9.76
CA VAL A 338 -9.10 31.02 8.42
C VAL A 338 -8.15 32.16 8.08
N ASN A 339 -8.54 33.39 8.37
CA ASN A 339 -7.69 34.54 8.05
C ASN A 339 -6.41 34.54 8.86
N ASP A 340 -6.51 34.15 10.12
CA ASP A 340 -5.35 34.10 11.00
C ASP A 340 -4.37 32.97 10.64
N PHE A 341 -4.93 31.86 10.15
CA PHE A 341 -4.12 30.76 9.64
C PHE A 341 -3.20 31.19 8.52
N TRP A 342 -3.72 31.95 7.55
CA TRP A 342 -2.90 32.46 6.44
C TRP A 342 -1.92 33.57 6.84
N ARG A 343 -2.31 34.40 7.81
CA ARG A 343 -1.36 35.32 8.48
C ARG A 343 -0.14 34.55 9.05
N MET A 344 -0.42 33.42 9.73
CA MET A 344 0.62 32.55 10.27
C MET A 344 1.52 31.92 9.21
N VAL A 345 0.92 31.29 8.22
CA VAL A 345 1.66 30.69 7.10
C VAL A 345 2.55 31.71 6.42
N PHE A 346 2.00 32.91 6.17
CA PHE A 346 2.78 33.99 5.58
C PHE A 346 3.93 34.48 6.47
N GLN A 347 3.62 34.83 7.72
CA GLN A 347 4.59 35.34 8.68
C GLN A 347 5.74 34.37 8.89
N GLU A 348 5.40 33.11 9.09
CA GLU A 348 6.37 32.08 9.45
C GLU A 348 7.12 31.53 8.24
N ASN A 349 6.75 32.03 7.06
CA ASN A 349 7.36 31.62 5.79
C ASN A 349 7.24 30.13 5.51
N SER A 350 6.16 29.53 6.01
CA SER A 350 5.87 28.12 5.76
C SER A 350 5.56 27.90 4.29
N ARG A 351 6.09 26.82 3.73
CA ARG A 351 5.92 26.53 2.32
C ARG A 351 5.30 25.17 2.08
N VAL A 352 5.03 24.44 3.17
CA VAL A 352 4.38 23.13 3.08
C VAL A 352 3.38 22.99 4.23
N ILE A 353 2.19 22.51 3.91
CA ILE A 353 1.14 22.22 4.88
C ILE A 353 0.80 20.74 4.78
N VAL A 354 0.67 20.09 5.92
CA VAL A 354 0.19 18.72 5.98
C VAL A 354 -1.15 18.69 6.70
N MET A 355 -2.18 18.20 6.02
CA MET A 355 -3.53 18.11 6.59
C MET A 355 -3.92 16.64 6.69
N THR A 356 -4.22 16.19 7.92
CA THR A 356 -4.35 14.75 8.20
C THR A 356 -5.79 14.34 8.53
N THR A 357 -6.73 15.00 7.88
CA THR A 357 -8.14 14.87 8.20
C THR A 357 -8.95 15.28 6.98
N LYS A 358 -10.14 14.73 6.83
CA LYS A 358 -11.14 15.32 5.93
C LYS A 358 -11.72 16.59 6.55
N GLU A 359 -12.39 17.43 5.77
CA GLU A 359 -13.03 18.61 6.35
C GLU A 359 -14.07 18.22 7.39
N VAL A 360 -14.78 17.11 7.13
CA VAL A 360 -15.72 16.55 8.10
C VAL A 360 -15.62 15.02 8.11
N GLU A 361 -15.72 14.45 9.31
CA GLU A 361 -15.74 13.00 9.48
C GLU A 361 -16.80 12.63 10.52
N ARG A 362 -17.59 11.59 10.22
CA ARG A 362 -18.72 11.19 11.08
C ARG A 362 -19.71 12.33 11.28
N GLY A 363 -19.90 13.13 10.25
CA GLY A 363 -20.87 14.22 10.34
C GLY A 363 -20.37 15.47 11.02
N LYS A 364 -19.26 15.38 11.74
CA LYS A 364 -18.70 16.54 12.45
C LYS A 364 -17.62 17.26 11.62
N SER A 365 -17.55 18.58 11.78
CA SER A 365 -16.55 19.39 11.08
C SER A 365 -15.20 19.36 11.80
N LYS A 366 -14.17 18.93 11.07
CA LYS A 366 -12.81 18.83 11.59
C LYS A 366 -11.96 20.02 11.16
N CYS A 367 -12.32 20.62 10.04
CA CYS A 367 -11.55 21.73 9.49
C CYS A 367 -12.43 22.39 8.45
N VAL A 368 -12.54 23.71 8.51
CA VAL A 368 -13.21 24.42 7.43
C VAL A 368 -12.26 24.58 6.24
N LYS A 369 -12.83 24.53 5.04
CA LYS A 369 -12.09 24.75 3.82
C LYS A 369 -11.39 26.11 3.82
N TYR A 370 -10.07 26.10 3.95
CA TYR A 370 -9.30 27.33 3.96
C TYR A 370 -8.57 27.62 2.66
N TRP A 371 -8.86 26.85 1.61
CA TRP A 371 -8.21 27.02 0.32
C TRP A 371 -9.26 27.23 -0.79
N PRO A 372 -8.91 27.97 -1.84
CA PRO A 372 -9.80 28.13 -3.00
C PRO A 372 -10.03 26.83 -3.76
N ASP A 373 -11.11 26.75 -4.52
CA ASP A 373 -11.26 25.66 -5.49
C ASP A 373 -10.17 25.77 -6.53
N GLU A 374 -9.88 24.66 -7.19
CA GLU A 374 -8.86 24.63 -8.23
C GLU A 374 -9.07 25.74 -9.25
N TYR A 375 -8.01 26.53 -9.49
CA TYR A 375 -7.99 27.63 -10.45
C TYR A 375 -8.58 28.95 -9.94
N ALA A 376 -9.21 28.90 -8.78
CA ALA A 376 -9.83 30.08 -8.17
C ALA A 376 -8.83 30.92 -7.37
N LEU A 377 -9.22 32.18 -7.16
CA LEU A 377 -8.45 33.13 -6.36
C LEU A 377 -9.37 33.64 -5.25
N LYS A 378 -8.87 33.64 -4.01
CA LYS A 378 -9.61 34.21 -2.88
C LYS A 378 -8.75 35.14 -2.03
N GLU A 379 -9.39 36.14 -1.44
CA GLU A 379 -8.77 36.94 -0.40
C GLU A 379 -9.27 36.53 0.98
N TYR A 380 -8.33 36.21 1.86
CA TYR A 380 -8.64 35.87 3.23
C TYR A 380 -8.04 36.97 4.10
N GLY A 381 -8.84 38.01 4.33
CA GLY A 381 -8.31 39.22 4.95
C GLY A 381 -7.29 39.91 4.06
N VAL A 382 -6.11 40.22 4.60
CA VAL A 382 -5.07 40.88 3.83
C VAL A 382 -4.28 39.89 2.97
N MET A 383 -4.63 38.61 3.09
CA MET A 383 -3.90 37.55 2.39
C MET A 383 -4.68 37.06 1.18
N ARG A 384 -3.97 36.80 0.09
CA ARG A 384 -4.60 36.40 -1.16
C ARG A 384 -4.01 35.06 -1.57
N VAL A 385 -4.84 34.06 -1.86
CA VAL A 385 -4.32 32.81 -2.36
C VAL A 385 -5.05 32.25 -3.58
N ARG A 386 -4.27 31.80 -4.54
CA ARG A 386 -4.86 31.07 -5.67
C ARG A 386 -4.46 29.60 -5.69
N ASN A 387 -5.46 28.75 -5.88
CA ASN A 387 -5.23 27.32 -6.04
C ASN A 387 -4.80 27.08 -7.48
N VAL A 388 -3.49 27.01 -7.69
CA VAL A 388 -2.91 26.88 -9.02
C VAL A 388 -3.24 25.55 -9.71
N LYS A 389 -3.12 24.45 -8.98
CA LYS A 389 -3.32 23.12 -9.53
C LYS A 389 -3.51 22.11 -8.39
N GLU A 390 -4.42 21.17 -8.58
CA GLU A 390 -4.55 20.04 -7.67
C GLU A 390 -4.11 18.73 -8.35
N SER A 391 -3.33 17.93 -7.63
CA SER A 391 -2.94 16.60 -8.11
C SER A 391 -3.45 15.49 -7.18
N ALA A 392 -4.36 14.67 -7.67
CA ALA A 392 -4.92 13.62 -6.83
C ALA A 392 -4.08 12.35 -6.88
N ALA A 393 -3.73 11.84 -5.71
CA ALA A 393 -3.22 10.49 -5.60
C ALA A 393 -4.28 9.68 -4.87
N HIS A 394 -4.00 8.43 -4.56
CA HIS A 394 -5.02 7.62 -3.88
C HIS A 394 -5.24 8.06 -2.42
N ASP A 395 -4.14 8.29 -1.69
CA ASP A 395 -4.25 8.59 -0.27
C ASP A 395 -4.31 10.07 0.05
N TYR A 396 -3.95 10.90 -0.91
CA TYR A 396 -3.88 12.32 -0.64
C TYR A 396 -4.12 13.15 -1.88
N THR A 397 -4.37 14.44 -1.67
CA THR A 397 -4.44 15.41 -2.77
C THR A 397 -3.45 16.51 -2.52
N LEU A 398 -2.66 16.84 -3.54
CA LEU A 398 -1.69 17.92 -3.45
C LEU A 398 -2.25 19.18 -4.09
N ARG A 399 -2.22 20.29 -3.36
CA ARG A 399 -2.71 21.54 -3.91
C ARG A 399 -1.60 22.58 -3.96
N GLU A 400 -1.27 23.03 -5.16
CA GLU A 400 -0.28 24.06 -5.33
C GLU A 400 -0.91 25.44 -5.15
N LEU A 401 -0.64 26.09 -4.02
CA LEU A 401 -1.26 27.37 -3.67
C LEU A 401 -0.24 28.50 -3.76
N LYS A 402 -0.65 29.62 -4.35
CA LYS A 402 0.21 30.81 -4.34
C LYS A 402 -0.34 31.87 -3.37
N LEU A 403 0.48 32.19 -2.37
CA LEU A 403 0.07 33.08 -1.29
C LEU A 403 0.84 34.39 -1.40
N SER A 404 0.10 35.50 -1.37
CA SER A 404 0.67 36.84 -1.35
C SER A 404 -0.09 37.78 -0.41
N LYS A 405 0.56 38.87 -0.01
CA LYS A 405 -0.13 39.94 0.71
C LYS A 405 -0.83 40.86 -0.30
N VAL A 406 -2.13 41.02 -0.14
CA VAL A 406 -2.89 41.99 -0.92
C VAL A 406 -2.23 43.38 -0.94
N GLY A 407 -2.06 43.95 -2.13
CA GLY A 407 -1.42 45.25 -2.24
C GLY A 407 0.08 45.22 -2.45
N GLN A 408 0.67 44.05 -2.21
CA GLN A 408 2.12 43.89 -2.31
C GLN A 408 2.48 42.74 -3.20
N GLY A 409 2.72 43.06 -4.47
CA GLY A 409 3.29 42.08 -5.38
C GLY A 409 4.75 41.84 -5.02
N ASN A 410 5.23 40.62 -5.29
CA ASN A 410 6.58 40.20 -4.90
C ASN A 410 6.70 39.86 -3.41
N THR A 411 5.57 39.59 -2.77
CA THR A 411 5.55 38.90 -1.48
C THR A 411 5.04 37.48 -1.71
N GLU A 412 4.79 37.17 -2.97
CA GLU A 412 4.24 35.89 -3.39
C GLU A 412 5.19 34.73 -3.14
N ARG A 413 4.65 33.64 -2.61
CA ARG A 413 5.35 32.37 -2.53
C ARG A 413 4.36 31.21 -2.71
N THR A 414 4.87 30.08 -3.20
CA THR A 414 4.06 28.87 -3.32
C THR A 414 4.01 28.12 -2.00
N VAL A 415 2.81 27.71 -1.62
CA VAL A 415 2.62 26.85 -0.48
C VAL A 415 1.96 25.56 -0.95
N TRP A 416 2.58 24.44 -0.60
CA TRP A 416 2.15 23.15 -1.10
C TRP A 416 1.34 22.45 -0.03
N GLN A 417 0.05 22.32 -0.26
CA GLN A 417 -0.81 21.67 0.73
C GLN A 417 -0.97 20.19 0.41
N TYR A 418 -0.37 19.36 1.25
CA TYR A 418 -0.55 17.92 1.13
C TYR A 418 -1.70 17.50 2.01
N HIS A 419 -2.85 17.25 1.39
CA HIS A 419 -4.05 16.89 2.12
C HIS A 419 -4.24 15.38 2.13
N PHE A 420 -3.82 14.74 3.23
CA PHE A 420 -4.01 13.30 3.43
C PHE A 420 -5.46 12.99 3.76
N ARG A 421 -6.08 12.15 2.93
CA ARG A 421 -7.52 11.95 2.94
C ARG A 421 -7.98 10.65 3.56
N THR A 422 -7.10 9.65 3.61
CA THR A 422 -7.49 8.28 3.96
C THR A 422 -7.20 7.79 5.39
N TRP A 423 -6.94 8.70 6.33
CA TRP A 423 -6.85 8.28 7.72
C TRP A 423 -8.21 7.70 8.13
N PRO A 424 -8.23 6.46 8.64
CA PRO A 424 -9.48 5.78 8.99
C PRO A 424 -10.23 6.45 10.15
N ASP A 425 -11.51 6.15 10.30
CA ASP A 425 -12.28 6.72 11.41
C ASP A 425 -11.89 6.12 12.74
N HIS A 426 -11.56 4.83 12.74
CA HIS A 426 -11.03 4.16 13.93
C HIS A 426 -9.53 3.92 13.81
N GLY A 427 -8.78 4.33 14.81
CA GLY A 427 -7.39 3.91 14.92
C GLY A 427 -6.49 4.62 13.92
N VAL A 428 -5.49 3.89 13.43
CA VAL A 428 -4.52 4.47 12.53
C VAL A 428 -4.42 3.68 11.20
N PRO A 429 -3.81 4.26 10.15
CA PRO A 429 -3.48 3.55 8.90
C PRO A 429 -2.85 2.18 9.14
N SER A 430 -3.25 1.19 8.35
CA SER A 430 -2.73 -0.18 8.50
C SER A 430 -1.72 -0.59 7.41
N ASP A 431 -1.37 0.33 6.52
CA ASP A 431 -0.37 0.05 5.49
C ASP A 431 0.79 1.06 5.51
N PRO A 432 1.94 0.64 6.05
CA PRO A 432 3.02 1.61 6.22
C PRO A 432 3.56 2.12 4.89
N GLY A 433 3.29 1.39 3.82
CA GLY A 433 3.77 1.76 2.51
C GLY A 433 3.31 3.13 2.07
N GLY A 434 2.00 3.34 2.07
CA GLY A 434 1.44 4.59 1.60
C GLY A 434 1.71 5.76 2.52
N VAL A 435 1.71 5.47 3.81
CA VAL A 435 2.05 6.46 4.84
C VAL A 435 3.48 6.98 4.64
N LEU A 436 4.40 6.05 4.39
CA LEU A 436 5.79 6.41 4.21
C LEU A 436 6.10 7.01 2.85
N ASP A 437 5.35 6.62 1.84
CA ASP A 437 5.39 7.30 0.54
C ASP A 437 4.98 8.77 0.67
N PHE A 438 3.83 9.01 1.29
CA PHE A 438 3.34 10.37 1.57
C PHE A 438 4.37 11.17 2.37
N LEU A 439 4.84 10.59 3.47
CA LEU A 439 5.83 11.24 4.32
C LEU A 439 7.13 11.61 3.57
N GLU A 440 7.64 10.68 2.76
CA GLU A 440 8.83 10.91 1.93
C GLU A 440 8.64 12.03 0.90
N GLU A 441 7.46 12.08 0.28
CA GLU A 441 7.09 13.14 -0.66
C GLU A 441 7.07 14.53 -0.02
N VAL A 442 6.38 14.62 1.11
CA VAL A 442 6.30 15.86 1.89
C VAL A 442 7.70 16.30 2.30
N HIS A 443 8.51 15.34 2.71
CA HIS A 443 9.88 15.64 3.10
C HIS A 443 10.67 16.24 1.95
N HIS A 444 10.58 15.62 0.78
CA HIS A 444 11.41 16.03 -0.35
C HIS A 444 10.97 17.36 -0.94
N LYS A 445 9.67 17.64 -0.88
CA LYS A 445 9.20 18.98 -1.21
C LYS A 445 9.79 20.08 -0.33
N GLN A 446 9.73 19.89 0.99
CA GLN A 446 10.31 20.85 1.94
C GLN A 446 11.81 21.07 1.73
N GLU A 447 12.54 19.97 1.51
CA GLU A 447 13.99 20.02 1.34
C GLU A 447 14.43 20.73 0.07
N SER A 448 13.61 20.67 -0.98
CA SER A 448 13.90 21.34 -2.24
C SER A 448 13.69 22.87 -2.25
N ILE A 449 13.07 23.41 -1.21
CA ILE A 449 12.72 24.83 -1.17
C ILE A 449 13.68 25.58 -0.23
N MET A 450 14.52 26.45 -0.82
CA MET A 450 15.45 27.28 -0.05
C MET A 450 14.76 28.20 0.96
N ASP A 451 15.17 28.08 2.22
CA ASP A 451 14.68 28.97 3.28
C ASP A 451 13.18 28.81 3.59
N ALA A 452 12.62 27.66 3.24
CA ALA A 452 11.27 27.32 3.66
C ALA A 452 11.18 27.33 5.17
N GLY A 453 10.08 27.86 5.69
CA GLY A 453 9.90 27.89 7.14
C GLY A 453 9.34 26.60 7.68
N PRO A 454 8.84 26.58 8.93
CA PRO A 454 8.30 25.36 9.53
C PRO A 454 7.31 24.67 8.61
N VAL A 455 7.29 23.34 8.67
CA VAL A 455 6.22 22.57 8.02
C VAL A 455 4.96 22.64 8.90
N VAL A 456 3.88 23.22 8.36
CA VAL A 456 2.64 23.31 9.11
C VAL A 456 1.92 21.96 9.07
N VAL A 457 1.56 21.43 10.24
CA VAL A 457 0.82 20.19 10.33
C VAL A 457 -0.44 20.39 11.16
N HIS A 458 -1.59 19.88 10.68
CA HIS A 458 -2.82 19.95 11.46
C HIS A 458 -3.83 18.81 11.25
N CYS A 459 -4.67 18.60 12.26
CA CYS A 459 -5.80 17.68 12.16
C CYS A 459 -7.04 18.39 12.73
N SER A 460 -7.75 17.78 13.67
CA SER A 460 -8.89 18.45 14.31
C SER A 460 -8.46 19.34 15.49
N ALA A 461 -8.11 18.73 16.62
CA ALA A 461 -7.51 19.46 17.74
C ALA A 461 -6.02 19.79 17.59
N GLY A 462 -5.32 19.10 16.69
CA GLY A 462 -3.91 19.40 16.44
C GLY A 462 -2.91 18.76 17.39
N ILE A 463 -3.29 17.65 18.02
CA ILE A 463 -2.39 17.00 18.98
C ILE A 463 -2.27 15.48 18.73
N GLY A 464 -3.35 14.86 18.27
CA GLY A 464 -3.36 13.41 18.08
C GLY A 464 -2.67 12.94 16.80
N ARG A 465 -3.41 13.00 15.70
CA ARG A 465 -2.88 12.70 14.38
C ARG A 465 -1.70 13.60 14.06
N THR A 466 -1.83 14.88 14.41
CA THR A 466 -0.75 15.84 14.23
C THR A 466 0.55 15.46 14.98
N GLY A 467 0.42 15.11 16.26
CA GLY A 467 1.58 14.72 17.05
C GLY A 467 2.23 13.43 16.55
N THR A 468 1.41 12.49 16.10
CA THR A 468 1.87 11.22 15.53
C THR A 468 2.68 11.37 14.23
N PHE A 469 2.14 12.12 13.26
CA PHE A 469 2.90 12.47 12.08
C PHE A 469 4.24 13.14 12.43
N ILE A 470 4.20 14.22 13.18
CA ILE A 470 5.41 14.95 13.48
C ILE A 470 6.50 14.09 14.12
N VAL A 471 6.11 13.27 15.11
CA VAL A 471 7.07 12.43 15.83
C VAL A 471 7.72 11.38 14.92
N ILE A 472 6.90 10.69 14.12
CA ILE A 472 7.42 9.80 13.06
C ILE A 472 8.39 10.53 12.12
N ASP A 473 7.99 11.71 11.63
CA ASP A 473 8.83 12.47 10.73
C ASP A 473 10.16 12.86 11.38
N ILE A 474 10.12 13.15 12.68
CA ILE A 474 11.34 13.50 13.39
C ILE A 474 12.30 12.29 13.47
N LEU A 475 11.78 11.14 13.89
CA LEU A 475 12.56 9.90 14.01
C LEU A 475 13.14 9.45 12.67
N ILE A 476 12.32 9.47 11.63
CA ILE A 476 12.81 9.16 10.30
C ILE A 476 13.81 10.18 9.76
N ASP A 477 13.67 11.44 10.15
CA ASP A 477 14.70 12.43 9.83
C ASP A 477 16.05 12.12 10.50
N ILE A 478 16.01 11.57 11.71
CA ILE A 478 17.23 11.17 12.45
C ILE A 478 17.97 10.04 11.73
N ILE A 479 17.22 9.00 11.37
CA ILE A 479 17.74 7.88 10.59
C ILE A 479 18.27 8.32 9.23
N ARG A 480 17.47 9.07 8.48
CA ARG A 480 17.88 9.53 7.15
C ARG A 480 19.17 10.38 7.15
N GLU A 481 19.49 11.01 8.26
CA GLU A 481 20.70 11.81 8.34
C GLU A 481 21.89 11.05 8.94
N LYS A 482 21.63 10.36 10.06
CA LYS A 482 22.70 9.69 10.81
C LYS A 482 22.87 8.22 10.39
N GLY A 483 22.14 7.80 9.36
CA GLY A 483 22.24 6.43 8.90
C GLY A 483 21.52 5.46 9.82
N VAL A 484 21.39 4.21 9.38
CA VAL A 484 20.63 3.18 10.12
C VAL A 484 21.24 2.74 11.46
N ASP A 485 22.47 3.18 11.73
CA ASP A 485 23.21 2.80 12.93
C ASP A 485 22.95 3.67 14.16
N CYS A 486 22.15 4.72 14.01
CA CYS A 486 21.94 5.66 15.10
C CYS A 486 21.04 5.14 16.23
N ASP A 487 21.14 5.77 17.38
CA ASP A 487 20.20 5.54 18.47
C ASP A 487 18.94 6.39 18.28
N ILE A 488 17.79 5.79 18.53
CA ILE A 488 16.54 6.54 18.64
C ILE A 488 15.82 6.14 19.92
N ASP A 489 15.04 7.07 20.45
CA ASP A 489 14.33 6.85 21.70
C ASP A 489 12.90 7.38 21.52
N VAL A 490 11.96 6.47 21.29
CA VAL A 490 10.59 6.87 20.96
C VAL A 490 9.84 7.62 22.06
N PRO A 491 9.77 7.06 23.29
CA PRO A 491 9.17 7.79 24.41
C PRO A 491 9.83 9.14 24.69
N LYS A 492 11.16 9.17 24.67
CA LYS A 492 11.87 10.42 24.92
C LYS A 492 11.56 11.52 23.90
N THR A 493 11.50 11.13 22.63
CA THR A 493 11.15 12.06 21.56
C THR A 493 9.73 12.60 21.71
N ILE A 494 8.81 11.72 22.11
CA ILE A 494 7.43 12.13 22.36
C ILE A 494 7.32 13.12 23.53
N GLN A 495 7.95 12.79 24.65
CA GLN A 495 7.99 13.70 25.79
C GLN A 495 8.59 15.05 25.45
N MET A 496 9.64 15.04 24.64
CA MET A 496 10.25 16.28 24.16
C MET A 496 9.28 17.14 23.32
N VAL A 497 8.46 16.48 22.51
CA VAL A 497 7.50 17.18 21.67
C VAL A 497 6.27 17.66 22.50
N ARG A 498 5.85 16.85 23.47
CA ARG A 498 4.75 17.19 24.38
C ARG A 498 5.07 18.35 25.34
N SER A 499 6.34 18.71 25.45
CA SER A 499 6.70 19.90 26.23
C SER A 499 6.53 21.17 25.40
N GLN A 500 6.19 20.99 24.12
CA GLN A 500 6.00 22.11 23.21
C GLN A 500 4.55 22.29 22.75
N ARG A 501 3.76 21.23 22.89
CA ARG A 501 2.31 21.34 22.74
C ARG A 501 1.62 20.20 23.46
N SER A 502 0.50 20.49 24.12
CA SER A 502 -0.13 19.54 25.04
C SER A 502 -0.61 18.30 24.34
N GLY A 503 -0.29 17.15 24.93
CA GLY A 503 -0.88 15.88 24.49
C GLY A 503 -0.48 15.39 23.10
N MET A 504 0.67 15.83 22.59
CA MET A 504 1.18 15.36 21.31
C MET A 504 1.39 13.85 21.31
N VAL A 505 0.72 13.17 20.38
CA VAL A 505 0.46 11.72 20.44
C VAL A 505 -0.55 11.38 21.55
N GLN A 506 -1.72 10.91 21.16
CA GLN A 506 -2.84 10.77 22.07
C GLN A 506 -3.06 9.35 22.59
N THR A 507 -2.94 8.36 21.71
CA THR A 507 -3.35 7.00 22.06
C THR A 507 -2.23 5.98 21.99
N GLU A 508 -2.50 4.80 22.52
CA GLU A 508 -1.57 3.69 22.48
C GLU A 508 -1.44 3.13 21.05
N ALA A 509 -2.55 3.10 20.32
CA ALA A 509 -2.57 2.72 18.91
C ALA A 509 -1.63 3.60 18.08
N GLN A 510 -1.66 4.90 18.32
CA GLN A 510 -0.75 5.83 17.65
C GLN A 510 0.68 5.63 18.10
N TYR A 511 0.86 5.35 19.39
CA TYR A 511 2.18 5.07 19.93
C TYR A 511 2.86 3.87 19.22
N ARG A 512 2.16 2.73 19.20
CA ARG A 512 2.60 1.57 18.43
C ARG A 512 2.86 1.89 16.95
N SER A 513 1.96 2.69 16.36
CA SER A 513 2.08 3.07 14.94
C SER A 513 3.40 3.78 14.61
N ILE A 514 3.91 4.55 15.56
CA ILE A 514 5.20 5.21 15.42
C ILE A 514 6.35 4.19 15.29
N TYR A 515 6.29 3.13 16.09
CA TYR A 515 7.27 2.04 16.01
C TYR A 515 7.15 1.34 14.67
N MET A 516 5.93 0.95 14.32
CA MET A 516 5.66 0.30 13.03
C MET A 516 6.15 1.10 11.82
N ALA A 517 5.94 2.40 11.83
CA ALA A 517 6.36 3.26 10.72
C ALA A 517 7.89 3.31 10.60
N VAL A 518 8.58 3.45 11.72
CA VAL A 518 10.04 3.47 11.70
C VAL A 518 10.59 2.08 11.35
N GLN A 519 9.88 1.02 11.78
CA GLN A 519 10.28 -0.33 11.45
C GLN A 519 10.24 -0.53 9.94
N HIS A 520 9.08 -0.25 9.35
CA HIS A 520 8.92 -0.33 7.90
C HIS A 520 9.96 0.50 7.16
N TYR A 521 10.12 1.76 7.52
CA TYR A 521 11.16 2.58 6.91
C TYR A 521 12.55 1.90 6.97
N ILE A 522 12.89 1.38 8.14
CA ILE A 522 14.17 0.69 8.31
C ILE A 522 14.24 -0.56 7.43
N GLU A 523 13.19 -1.36 7.44
CA GLU A 523 13.18 -2.60 6.69
C GLU A 523 12.93 -2.42 5.20
N THR A 524 12.72 -1.18 4.76
CA THR A 524 12.76 -0.85 3.33
C THR A 524 14.02 -0.02 3.01
N LEU A 525 15.06 -0.28 3.79
CA LEU A 525 16.40 0.23 3.52
C LEU A 525 17.42 -0.92 3.72
N LYS B 2 -11.08 -7.28 -37.00
CA LYS B 2 -9.77 -6.55 -37.08
C LYS B 2 -8.59 -7.55 -37.16
N SER B 3 -8.20 -7.90 -38.40
CA SER B 3 -7.31 -9.04 -38.65
C SER B 3 -5.81 -8.75 -38.43
N ARG B 4 -5.53 -7.74 -37.61
CA ARG B 4 -4.16 -7.30 -37.34
C ARG B 4 -3.33 -6.97 -38.59
N ARG B 5 -3.95 -7.03 -39.78
CA ARG B 5 -3.30 -6.60 -41.01
C ARG B 5 -2.88 -5.13 -40.93
N TRP B 6 -3.64 -4.34 -40.16
CA TRP B 6 -3.32 -2.93 -39.90
C TRP B 6 -2.12 -2.74 -38.96
N PHE B 7 -1.68 -3.83 -38.33
CA PHE B 7 -0.41 -3.83 -37.60
C PHE B 7 0.78 -4.15 -38.49
N HIS B 8 1.74 -3.22 -38.56
CA HIS B 8 2.96 -3.38 -39.34
C HIS B 8 4.18 -3.58 -38.45
N PRO B 9 4.68 -4.83 -38.35
CA PRO B 9 5.69 -5.19 -37.34
C PRO B 9 7.07 -4.56 -37.49
N ASN B 10 7.49 -4.28 -38.72
CA ASN B 10 8.76 -3.55 -38.90
C ASN B 10 8.65 -2.40 -39.90
N ILE B 11 8.36 -1.22 -39.38
CA ILE B 11 8.10 -0.02 -40.18
C ILE B 11 8.47 1.24 -39.39
N THR B 12 9.10 2.20 -40.06
CA THR B 12 9.51 3.46 -39.41
C THR B 12 8.33 4.43 -39.25
N GLY B 13 8.55 5.50 -38.50
CA GLY B 13 7.62 6.62 -38.51
C GLY B 13 7.47 7.24 -39.89
N VAL B 14 8.60 7.45 -40.56
CA VAL B 14 8.60 8.06 -41.89
C VAL B 14 7.92 7.14 -42.88
N GLU B 15 8.30 5.86 -42.86
CA GLU B 15 7.64 4.86 -43.69
C GLU B 15 6.11 4.86 -43.48
N ALA B 16 5.67 4.94 -42.22
CA ALA B 16 4.25 4.96 -41.91
C ALA B 16 3.53 6.18 -42.50
N GLU B 17 4.14 7.37 -42.35
CA GLU B 17 3.57 8.60 -42.90
C GLU B 17 3.49 8.53 -44.42
N ASN B 18 4.60 8.14 -45.05
CA ASN B 18 4.64 7.80 -46.46
C ASN B 18 3.43 6.95 -46.89
N LEU B 19 3.39 5.74 -46.36
CA LEU B 19 2.35 4.77 -46.66
C LEU B 19 0.94 5.36 -46.50
N LEU B 20 0.69 6.09 -45.42
CA LEU B 20 -0.62 6.69 -45.22
C LEU B 20 -0.97 7.80 -46.22
N LEU B 21 0.01 8.62 -46.58
CA LEU B 21 -0.21 9.70 -47.54
C LEU B 21 -0.35 9.23 -48.99
N THR B 22 0.49 8.27 -49.39
CA THR B 22 0.50 7.79 -50.78
C THR B 22 -0.47 6.64 -51.01
N ARG B 23 -0.63 5.75 -50.04
CA ARG B 23 -1.50 4.58 -50.21
C ARG B 23 -2.79 4.68 -49.40
N GLY B 24 -2.92 5.76 -48.64
CA GLY B 24 -4.12 5.94 -47.85
C GLY B 24 -4.91 7.20 -48.12
N VAL B 25 -6.09 7.29 -47.50
CA VAL B 25 -6.92 8.48 -47.55
C VAL B 25 -7.19 8.93 -46.11
N ASP B 26 -7.89 10.05 -45.94
CA ASP B 26 -8.29 10.49 -44.59
C ASP B 26 -9.11 9.41 -43.89
N GLY B 27 -8.79 9.15 -42.64
CA GLY B 27 -9.42 8.03 -41.95
C GLY B 27 -8.66 6.72 -42.08
N SER B 28 -7.59 6.71 -42.87
CA SER B 28 -6.68 5.57 -42.90
C SER B 28 -5.84 5.51 -41.64
N PHE B 29 -5.57 4.29 -41.17
CA PHE B 29 -4.75 4.11 -39.99
C PHE B 29 -3.92 2.83 -40.04
N LEU B 30 -2.81 2.84 -39.33
CA LEU B 30 -2.05 1.62 -39.06
C LEU B 30 -1.49 1.67 -37.64
N ALA B 31 -1.18 0.49 -37.10
CA ALA B 31 -0.50 0.38 -35.80
C ALA B 31 0.91 -0.19 -36.00
N ARG B 32 1.85 0.32 -35.22
CA ARG B 32 3.25 -0.08 -35.35
C ARG B 32 3.90 -0.10 -33.96
N PRO B 33 4.86 -1.00 -33.74
CA PRO B 33 5.69 -0.90 -32.54
C PRO B 33 6.65 0.28 -32.65
N SER B 34 6.66 1.13 -31.63
CA SER B 34 7.39 2.39 -31.68
C SER B 34 8.88 2.18 -31.43
N LYS B 35 9.69 3.06 -32.00
CA LYS B 35 11.09 3.15 -31.60
C LYS B 35 11.45 4.50 -30.96
N SER B 36 10.56 4.99 -30.10
CA SER B 36 10.96 5.88 -29.00
C SER B 36 11.32 5.02 -27.79
N ASN B 37 10.90 3.75 -27.84
CA ASN B 37 10.86 2.88 -26.68
C ASN B 37 10.12 1.57 -27.01
N PRO B 38 10.70 0.42 -26.58
CA PRO B 38 10.06 -0.92 -26.66
C PRO B 38 8.95 -1.19 -25.63
N GLY B 39 7.91 -1.90 -26.07
CA GLY B 39 6.68 -1.99 -25.30
C GLY B 39 5.62 -0.96 -25.69
N ASP B 40 6.09 0.17 -26.22
CA ASP B 40 5.19 1.23 -26.69
C ASP B 40 4.83 1.04 -28.17
N LEU B 41 3.54 1.18 -28.47
CA LEU B 41 3.07 1.18 -29.85
C LEU B 41 2.78 2.61 -30.28
N THR B 42 2.63 2.82 -31.58
CA THR B 42 2.07 4.06 -32.12
C THR B 42 0.91 3.76 -33.08
N LEU B 43 -0.19 4.45 -32.88
CA LEU B 43 -1.30 4.42 -33.82
C LEU B 43 -1.19 5.64 -34.77
N SER B 44 -0.80 5.40 -36.01
CA SER B 44 -0.63 6.47 -37.00
C SER B 44 -1.88 6.63 -37.87
N VAL B 45 -2.51 7.80 -37.79
CA VAL B 45 -3.80 8.04 -38.45
C VAL B 45 -3.70 9.24 -39.40
N ARG B 46 -4.34 9.14 -40.57
CA ARG B 46 -4.43 10.27 -41.48
C ARG B 46 -5.72 11.08 -41.32
N ARG B 47 -5.57 12.39 -41.19
CA ARG B 47 -6.70 13.31 -41.15
C ARG B 47 -6.35 14.67 -41.76
N ASN B 48 -7.27 15.23 -42.54
CA ASN B 48 -7.00 16.45 -43.31
C ASN B 48 -5.68 16.42 -44.06
N GLY B 49 -5.43 15.33 -44.80
CA GLY B 49 -4.22 15.24 -45.61
C GLY B 49 -2.89 15.25 -44.86
N ALA B 50 -2.95 15.27 -43.54
CA ALA B 50 -1.74 15.13 -42.71
C ALA B 50 -1.82 13.85 -41.86
N VAL B 51 -0.67 13.35 -41.42
CA VAL B 51 -0.62 12.17 -40.55
C VAL B 51 -0.31 12.52 -39.10
N THR B 52 -1.16 12.07 -38.18
CA THR B 52 -0.91 12.23 -36.76
C THR B 52 -0.55 10.89 -36.09
N HIS B 53 0.30 10.95 -35.07
CA HIS B 53 0.76 9.76 -34.35
C HIS B 53 0.32 9.80 -32.90
N ILE B 54 -0.38 8.75 -32.47
CA ILE B 54 -0.84 8.60 -31.10
C ILE B 54 -0.08 7.50 -30.39
N LYS B 55 0.43 7.81 -29.21
CA LYS B 55 1.18 6.84 -28.40
C LYS B 55 0.28 5.87 -27.62
N ILE B 56 0.69 4.61 -27.60
CA ILE B 56 0.04 3.59 -26.77
C ILE B 56 1.06 2.84 -25.91
N GLN B 57 1.01 3.03 -24.60
CA GLN B 57 1.94 2.36 -23.70
C GLN B 57 1.32 1.12 -23.08
N ASN B 58 2.14 0.09 -22.90
CA ASN B 58 1.78 -1.03 -22.05
C ASN B 58 2.97 -1.36 -21.17
N THR B 59 2.81 -1.18 -19.86
CA THR B 59 3.88 -1.53 -18.93
C THR B 59 3.61 -2.87 -18.26
N GLY B 60 2.49 -3.50 -18.61
CA GLY B 60 2.22 -4.83 -18.12
C GLY B 60 0.81 -5.03 -17.63
N ASP B 61 0.05 -3.95 -17.46
CA ASP B 61 -1.30 -4.08 -16.90
C ASP B 61 -2.43 -3.96 -17.91
N TYR B 62 -2.21 -3.14 -18.93
CA TYR B 62 -3.17 -2.92 -20.02
C TYR B 62 -2.57 -1.99 -21.05
N TYR B 63 -3.24 -1.85 -22.18
CA TYR B 63 -2.85 -0.88 -23.21
C TYR B 63 -3.45 0.48 -22.89
N ASP B 64 -2.58 1.47 -22.73
CA ASP B 64 -2.98 2.82 -22.31
C ASP B 64 -2.82 3.79 -23.49
N LEU B 65 -3.92 4.04 -24.18
CA LEU B 65 -3.94 4.93 -25.34
C LEU B 65 -3.87 6.38 -24.87
N TYR B 66 -2.88 7.12 -25.35
CA TYR B 66 -2.72 8.51 -24.93
C TYR B 66 -3.90 9.38 -25.33
N GLY B 67 -4.50 10.03 -24.33
CA GLY B 67 -5.69 10.84 -24.57
C GLY B 67 -6.95 10.03 -24.84
N GLY B 68 -6.85 8.71 -24.70
CA GLY B 68 -8.01 7.85 -24.86
C GLY B 68 -8.19 6.93 -23.67
N GLU B 69 -8.91 5.83 -23.86
CA GLU B 69 -9.14 4.89 -22.76
C GLU B 69 -8.19 3.69 -22.76
N LYS B 70 -8.28 2.86 -21.73
CA LYS B 70 -7.40 1.70 -21.55
C LYS B 70 -8.05 0.42 -22.05
N PHE B 71 -7.27 -0.43 -22.70
CA PHE B 71 -7.78 -1.61 -23.40
C PHE B 71 -7.00 -2.91 -23.13
N ALA B 72 -7.69 -4.04 -23.21
CA ALA B 72 -7.07 -5.35 -22.96
C ALA B 72 -6.15 -5.81 -24.10
N THR B 73 -6.55 -5.53 -25.35
CA THR B 73 -5.72 -5.84 -26.53
C THR B 73 -5.79 -4.74 -27.56
N LEU B 74 -4.85 -4.76 -28.49
CA LEU B 74 -4.79 -3.78 -29.56
C LEU B 74 -5.99 -3.93 -30.51
N ALA B 75 -6.39 -5.17 -30.77
CA ALA B 75 -7.58 -5.45 -31.57
C ALA B 75 -8.86 -4.89 -30.94
N GLU B 76 -9.02 -5.09 -29.63
CA GLU B 76 -10.12 -4.54 -28.87
C GLU B 76 -10.11 -3.01 -28.85
N LEU B 77 -8.91 -2.42 -28.84
CA LEU B 77 -8.79 -0.96 -28.94
C LEU B 77 -9.30 -0.47 -30.29
N VAL B 78 -8.72 -1.01 -31.36
CA VAL B 78 -9.13 -0.67 -32.72
C VAL B 78 -10.61 -0.92 -33.01
N GLN B 79 -11.14 -2.07 -32.61
CA GLN B 79 -12.57 -2.35 -32.79
C GLN B 79 -13.44 -1.30 -32.10
N TYR B 80 -13.04 -0.90 -30.90
CA TYR B 80 -13.79 0.10 -30.15
C TYR B 80 -13.89 1.42 -30.91
N TYR B 81 -12.75 1.95 -31.34
CA TYR B 81 -12.72 3.24 -32.00
C TYR B 81 -13.25 3.21 -33.43
N MET B 82 -13.27 2.05 -34.04
CA MET B 82 -13.94 1.92 -35.33
C MET B 82 -15.47 1.94 -35.20
N GLU B 83 -15.97 1.71 -34.00
CA GLU B 83 -17.41 1.73 -33.73
C GLU B 83 -17.83 2.86 -32.79
N HIS B 84 -16.91 3.78 -32.53
CA HIS B 84 -17.17 4.89 -31.60
C HIS B 84 -16.49 6.18 -32.06
N HIS B 85 -16.92 6.67 -33.21
CA HIS B 85 -16.40 7.94 -33.76
C HIS B 85 -16.75 9.11 -32.83
N GLY B 86 -15.88 10.11 -32.82
CA GLY B 86 -16.06 11.24 -31.94
C GLY B 86 -15.41 11.05 -30.57
N GLN B 87 -15.01 9.81 -30.29
CA GLN B 87 -14.41 9.47 -29.00
C GLN B 87 -12.89 9.57 -28.97
N LEU B 88 -12.23 9.24 -30.07
CA LEU B 88 -10.79 9.41 -30.16
C LEU B 88 -10.42 10.87 -30.48
N LYS B 89 -9.87 11.56 -29.50
CA LYS B 89 -9.59 12.99 -29.62
C LYS B 89 -8.10 13.31 -29.75
N GLU B 90 -7.81 14.39 -30.44
CA GLU B 90 -6.44 14.84 -30.69
C GLU B 90 -6.01 15.76 -29.54
N LYS B 91 -5.88 17.07 -29.83
CA LYS B 91 -5.57 18.05 -28.79
C LYS B 91 -6.86 18.64 -28.24
N ASN B 92 -7.41 17.90 -27.26
CA ASN B 92 -8.73 18.18 -26.67
C ASN B 92 -9.85 18.16 -27.72
N GLY B 93 -10.82 17.27 -27.53
CA GLY B 93 -12.02 17.31 -28.35
C GLY B 93 -11.87 16.87 -29.79
N ASP B 94 -10.84 17.40 -30.47
CA ASP B 94 -10.50 17.08 -31.85
C ASP B 94 -10.68 15.61 -32.22
N VAL B 95 -11.83 15.28 -32.81
CA VAL B 95 -12.11 13.90 -33.20
C VAL B 95 -11.18 13.38 -34.31
N ILE B 96 -10.34 12.42 -33.94
CA ILE B 96 -9.59 11.60 -34.90
C ILE B 96 -10.41 10.35 -35.25
N GLU B 97 -10.57 10.09 -36.54
CA GLU B 97 -11.44 9.00 -36.98
C GLU B 97 -10.63 7.82 -37.50
N LEU B 98 -10.95 6.63 -36.99
CA LEU B 98 -10.38 5.38 -37.49
C LEU B 98 -11.37 4.74 -38.45
N LYS B 99 -11.12 4.91 -39.74
CA LYS B 99 -12.08 4.51 -40.78
C LYS B 99 -11.62 3.31 -41.58
N TYR B 100 -10.41 3.41 -42.13
CA TYR B 100 -9.90 2.48 -43.13
C TYR B 100 -8.55 1.89 -42.73
N PRO B 101 -8.51 0.60 -42.38
CA PRO B 101 -7.25 -0.10 -42.06
C PRO B 101 -6.31 -0.20 -43.24
N LEU B 102 -5.13 0.42 -43.14
CA LEU B 102 -4.10 0.29 -44.16
C LEU B 102 -3.31 -1.01 -43.92
N ASN B 103 -3.66 -2.05 -44.66
CA ASN B 103 -3.07 -3.38 -44.43
C ASN B 103 -1.58 -3.54 -44.72
N CYS B 104 -0.98 -4.55 -44.08
CA CYS B 104 0.43 -4.88 -44.25
C CYS B 104 0.65 -6.04 -45.21
N ALA B 105 1.64 -5.91 -46.09
CA ALA B 105 1.97 -6.99 -47.04
C ALA B 105 3.02 -7.95 -46.50
N ASP B 106 3.71 -7.55 -45.44
CA ASP B 106 4.77 -8.36 -44.79
C ASP B 106 4.23 -9.68 -44.22
N PRO B 107 4.88 -10.80 -44.55
CA PRO B 107 4.43 -12.11 -44.07
C PRO B 107 5.02 -12.66 -42.74
N THR B 108 5.84 -11.86 -42.04
CA THR B 108 6.74 -12.35 -40.98
C THR B 108 6.09 -13.00 -39.74
N SER B 109 5.01 -12.39 -39.26
CA SER B 109 4.33 -12.85 -38.04
C SER B 109 3.21 -13.84 -38.32
N GLU B 110 3.25 -14.45 -39.50
CA GLU B 110 2.29 -15.51 -39.84
C GLU B 110 2.79 -16.86 -39.34
N ARG B 111 1.87 -17.67 -38.83
CA ARG B 111 2.21 -18.98 -38.27
C ARG B 111 2.84 -19.91 -39.31
N TRP B 112 2.41 -19.76 -40.56
CA TRP B 112 2.90 -20.59 -41.67
C TRP B 112 4.19 -20.11 -42.35
N PHE B 113 4.55 -18.83 -42.17
CA PHE B 113 5.75 -18.30 -42.81
C PHE B 113 7.03 -18.62 -42.05
N HIS B 114 8.02 -19.15 -42.75
CA HIS B 114 9.32 -19.42 -42.16
C HIS B 114 10.44 -18.69 -42.87
N GLY B 115 10.43 -18.72 -44.20
CA GLY B 115 11.58 -18.26 -44.95
C GLY B 115 12.85 -18.97 -44.49
N HIS B 116 14.00 -18.49 -44.95
CA HIS B 116 15.31 -19.06 -44.55
C HIS B 116 15.30 -20.58 -44.32
N LEU B 117 14.56 -21.30 -45.16
CA LEU B 117 14.29 -22.72 -44.93
C LEU B 117 14.41 -23.55 -46.22
N SER B 118 15.15 -24.65 -46.14
CA SER B 118 15.42 -25.48 -47.31
C SER B 118 14.29 -26.48 -47.59
N GLY B 119 14.27 -27.01 -48.81
CA GLY B 119 13.24 -27.95 -49.19
C GLY B 119 13.27 -29.23 -48.39
N LYS B 120 14.48 -29.71 -48.13
CA LYS B 120 14.67 -30.98 -47.43
C LYS B 120 14.51 -30.79 -45.91
N GLU B 121 14.83 -29.60 -45.43
CA GLU B 121 14.59 -29.27 -44.03
C GLU B 121 13.10 -29.06 -43.75
N ALA B 122 12.43 -28.39 -44.68
CA ALA B 122 10.97 -28.26 -44.63
C ALA B 122 10.32 -29.64 -44.59
N GLU B 123 10.87 -30.57 -45.37
CA GLU B 123 10.40 -31.96 -45.37
C GLU B 123 10.63 -32.67 -44.04
N LYS B 124 11.83 -32.47 -43.46
CA LYS B 124 12.17 -32.99 -42.13
C LYS B 124 11.11 -32.58 -41.11
N LEU B 125 10.91 -31.27 -41.00
CA LEU B 125 9.95 -30.70 -40.06
C LEU B 125 8.53 -31.17 -40.31
N LEU B 126 8.10 -31.15 -41.57
CA LEU B 126 6.78 -31.63 -41.93
C LEU B 126 6.61 -33.13 -41.64
N THR B 127 7.70 -33.89 -41.77
CA THR B 127 7.66 -35.32 -41.41
C THR B 127 7.76 -35.53 -39.91
N GLU B 128 8.46 -34.64 -39.22
CA GLU B 128 8.70 -34.73 -37.78
C GLU B 128 7.46 -34.38 -36.97
N LYS B 129 6.91 -33.19 -37.22
CA LYS B 129 5.84 -32.63 -36.39
C LYS B 129 4.52 -32.54 -37.14
N GLY B 130 4.58 -32.64 -38.48
CA GLY B 130 3.42 -32.34 -39.30
C GLY B 130 2.38 -33.43 -39.39
N LYS B 131 1.19 -33.06 -39.84
CA LYS B 131 0.11 -34.01 -40.14
C LYS B 131 -0.57 -33.62 -41.45
N HIS B 132 -1.60 -34.36 -41.84
CA HIS B 132 -2.34 -34.00 -43.06
C HIS B 132 -2.82 -32.55 -43.01
N GLY B 133 -2.56 -31.81 -44.09
CA GLY B 133 -3.02 -30.44 -44.16
C GLY B 133 -2.05 -29.47 -43.52
N SER B 134 -1.04 -29.97 -42.83
CA SER B 134 -0.02 -29.08 -42.30
C SER B 134 0.78 -28.44 -43.43
N PHE B 135 1.04 -27.14 -43.34
CA PHE B 135 1.75 -26.45 -44.40
C PHE B 135 2.67 -25.37 -43.88
N LEU B 136 3.41 -24.76 -44.80
CA LEU B 136 4.31 -23.66 -44.48
C LEU B 136 4.75 -23.00 -45.77
N VAL B 137 5.17 -21.75 -45.68
CA VAL B 137 5.70 -21.03 -46.83
C VAL B 137 7.13 -20.60 -46.52
N ARG B 138 8.05 -20.97 -47.41
CA ARG B 138 9.47 -20.68 -47.21
C ARG B 138 9.98 -19.88 -48.40
N GLU B 139 11.14 -19.23 -48.23
CA GLU B 139 11.81 -18.55 -49.33
C GLU B 139 12.46 -19.58 -50.26
N SER B 140 12.41 -19.32 -51.56
CA SER B 140 13.02 -20.22 -52.55
C SER B 140 14.53 -19.99 -52.63
N GLN B 141 15.28 -21.06 -52.37
CA GLN B 141 16.75 -21.04 -52.41
C GLN B 141 17.24 -21.17 -53.85
N SER B 142 16.40 -21.81 -54.66
CA SER B 142 16.51 -21.78 -56.12
C SER B 142 16.51 -20.34 -56.70
N HIS B 143 15.35 -19.84 -57.11
CA HIS B 143 15.26 -18.51 -57.73
C HIS B 143 14.91 -17.42 -56.70
N PRO B 144 15.89 -16.57 -56.36
CA PRO B 144 15.86 -15.77 -55.12
C PRO B 144 14.82 -14.65 -55.17
N GLY B 145 13.82 -14.74 -54.31
CA GLY B 145 12.72 -13.79 -54.36
C GLY B 145 11.39 -14.51 -54.44
N ASP B 146 11.43 -15.69 -55.05
CA ASP B 146 10.27 -16.57 -55.09
C ASP B 146 10.06 -17.21 -53.72
N PHE B 147 8.93 -17.88 -53.57
CA PHE B 147 8.60 -18.58 -52.34
C PHE B 147 8.13 -19.99 -52.65
N VAL B 148 8.03 -20.82 -51.62
CA VAL B 148 7.54 -22.18 -51.80
C VAL B 148 6.51 -22.54 -50.72
N LEU B 149 5.41 -23.11 -51.14
CA LEU B 149 4.42 -23.62 -50.22
C LEU B 149 4.60 -25.12 -50.13
N SER B 150 5.07 -25.60 -48.99
CA SER B 150 5.22 -27.05 -48.79
C SER B 150 4.06 -27.59 -47.96
N VAL B 151 3.44 -28.67 -48.43
CA VAL B 151 2.23 -29.20 -47.80
C VAL B 151 2.34 -30.69 -47.53
N ARG B 152 1.94 -31.09 -46.33
CA ARG B 152 1.84 -32.50 -45.99
C ARG B 152 0.45 -33.00 -46.33
N THR B 153 0.38 -33.96 -47.24
CA THR B 153 -0.87 -34.67 -47.49
C THR B 153 -0.76 -36.11 -46.99
N GLY B 154 -1.78 -36.57 -46.30
CA GLY B 154 -1.64 -37.82 -45.57
C GLY B 154 -2.95 -38.52 -45.30
N ASP B 155 -2.84 -39.59 -44.52
CA ASP B 155 -3.86 -40.62 -44.39
C ASP B 155 -4.38 -41.12 -45.74
N ASN B 161 -4.45 -44.54 -38.07
CA ASN B 161 -3.57 -43.35 -37.87
C ASN B 161 -3.67 -42.37 -39.05
N ASP B 162 -3.03 -41.21 -38.92
CA ASP B 162 -2.91 -40.26 -40.03
C ASP B 162 -1.89 -40.80 -41.04
N GLY B 163 -2.37 -41.61 -41.98
CA GLY B 163 -1.50 -42.33 -42.90
C GLY B 163 -0.45 -41.46 -43.57
N LYS B 164 0.67 -41.27 -42.87
CA LYS B 164 1.75 -40.34 -43.22
C LYS B 164 1.75 -39.81 -44.67
N SER B 165 2.16 -40.65 -45.60
CA SER B 165 2.14 -40.36 -47.04
C SER B 165 3.19 -39.38 -47.59
N LYS B 166 2.85 -38.11 -47.74
CA LYS B 166 3.53 -37.29 -48.75
C LYS B 166 3.71 -35.81 -48.41
N VAL B 167 4.76 -35.20 -48.96
CA VAL B 167 4.90 -33.74 -48.92
C VAL B 167 5.01 -33.19 -50.36
N THR B 168 4.28 -32.12 -50.64
CA THR B 168 4.30 -31.49 -51.97
C THR B 168 4.83 -30.06 -51.86
N HIS B 169 5.63 -29.65 -52.84
CA HIS B 169 6.09 -28.26 -52.89
C HIS B 169 5.50 -27.54 -54.10
N VAL B 170 4.86 -26.40 -53.83
CA VAL B 170 4.27 -25.57 -54.88
C VAL B 170 5.06 -24.27 -55.02
N MET B 171 5.70 -24.10 -56.16
CA MET B 171 6.39 -22.84 -56.47
C MET B 171 5.42 -21.68 -56.27
N ILE B 172 5.88 -20.62 -55.63
CA ILE B 172 5.17 -19.34 -55.66
C ILE B 172 6.07 -18.30 -56.29
N ARG B 173 5.64 -17.79 -57.44
CA ARG B 173 6.39 -16.78 -58.19
C ARG B 173 6.12 -15.36 -57.69
N CYS B 174 7.15 -14.54 -57.62
CA CYS B 174 6.95 -13.12 -57.29
C CYS B 174 7.36 -12.24 -58.46
N GLN B 175 6.38 -11.68 -59.16
CA GLN B 175 6.62 -10.84 -60.33
C GLN B 175 5.97 -9.48 -60.12
N GLU B 176 6.71 -8.41 -60.38
CA GLU B 176 6.25 -7.03 -60.13
C GLU B 176 5.52 -6.89 -58.79
N LEU B 177 6.13 -7.44 -57.74
CA LEU B 177 5.59 -7.38 -56.39
C LEU B 177 4.18 -7.96 -56.22
N LYS B 178 3.84 -8.94 -57.04
CA LYS B 178 2.63 -9.75 -56.86
C LYS B 178 3.00 -11.24 -56.87
N TYR B 179 2.15 -12.07 -56.28
CA TYR B 179 2.47 -13.48 -56.13
C TYR B 179 1.46 -14.38 -56.84
N ASP B 180 1.94 -15.46 -57.45
CA ASP B 180 1.05 -16.47 -58.07
C ASP B 180 1.67 -17.87 -58.01
N VAL B 181 0.85 -18.89 -58.25
CA VAL B 181 1.32 -20.27 -58.23
C VAL B 181 1.56 -20.85 -59.64
N GLY B 182 1.90 -20.01 -60.59
CA GLY B 182 2.16 -20.47 -61.95
C GLY B 182 1.13 -20.08 -62.99
N GLY B 183 -0.05 -19.66 -62.52
CA GLY B 183 -1.13 -19.25 -63.41
C GLY B 183 -2.35 -18.78 -62.61
N GLY B 184 -3.33 -18.17 -63.28
CA GLY B 184 -4.54 -17.72 -62.60
C GLY B 184 -4.45 -16.36 -61.94
N GLU B 185 -4.90 -16.24 -60.69
CA GLU B 185 -4.90 -14.97 -59.97
C GLU B 185 -3.52 -14.53 -59.44
N ARG B 186 -3.28 -13.22 -59.45
CA ARG B 186 -2.05 -12.66 -58.91
C ARG B 186 -2.35 -11.83 -57.66
N PHE B 187 -1.88 -12.30 -56.51
CA PHE B 187 -2.19 -11.67 -55.22
C PHE B 187 -1.16 -10.65 -54.78
N ASP B 188 -1.60 -9.64 -54.05
CA ASP B 188 -0.70 -8.57 -53.58
C ASP B 188 0.20 -8.97 -52.42
N SER B 189 -0.12 -10.08 -51.77
CA SER B 189 0.58 -10.53 -50.58
C SER B 189 0.56 -12.04 -50.47
N LEU B 190 1.58 -12.60 -49.84
CA LEU B 190 1.61 -14.02 -49.52
C LEU B 190 0.38 -14.44 -48.71
N THR B 191 -0.03 -13.60 -47.76
CA THR B 191 -1.20 -13.91 -46.95
C THR B 191 -2.47 -14.08 -47.79
N ASP B 192 -2.63 -13.21 -48.79
CA ASP B 192 -3.79 -13.30 -49.69
C ASP B 192 -3.75 -14.57 -50.53
N LEU B 193 -2.55 -14.91 -51.02
CA LEU B 193 -2.34 -16.19 -51.70
C LEU B 193 -2.74 -17.37 -50.83
N VAL B 194 -2.24 -17.40 -49.59
CA VAL B 194 -2.51 -18.50 -48.67
C VAL B 194 -3.97 -18.57 -48.30
N GLU B 195 -4.59 -17.42 -48.03
CA GLU B 195 -5.99 -17.40 -47.65
C GLU B 195 -6.88 -17.91 -48.79
N HIS B 196 -6.51 -17.55 -50.01
CA HIS B 196 -7.23 -17.95 -51.23
C HIS B 196 -7.17 -19.47 -51.47
N TYR B 197 -5.99 -20.04 -51.31
CA TYR B 197 -5.83 -21.46 -51.52
C TYR B 197 -6.10 -22.26 -50.26
N LYS B 198 -6.33 -21.57 -49.14
CA LYS B 198 -6.99 -22.18 -47.99
C LYS B 198 -8.50 -22.44 -48.24
N LYS B 199 -9.17 -21.51 -48.93
CA LYS B 199 -10.59 -21.66 -49.28
C LYS B 199 -10.79 -22.43 -50.59
N ASN B 200 -9.82 -22.30 -51.50
CA ASN B 200 -9.91 -22.99 -52.80
C ASN B 200 -8.73 -23.92 -53.05
N PRO B 201 -8.71 -25.09 -52.40
CA PRO B 201 -7.51 -25.92 -52.38
C PRO B 201 -7.05 -26.36 -53.79
N MET B 202 -5.80 -26.05 -54.12
CA MET B 202 -5.17 -26.55 -55.34
C MET B 202 -5.32 -28.08 -55.48
N VAL B 203 -5.75 -28.51 -56.67
CA VAL B 203 -5.90 -29.95 -56.95
C VAL B 203 -4.84 -30.45 -57.93
N GLU B 204 -4.20 -31.55 -57.57
CA GLU B 204 -3.17 -32.15 -58.43
C GLU B 204 -3.81 -32.85 -59.62
N THR B 205 -3.24 -32.63 -60.81
CA THR B 205 -3.54 -33.48 -61.98
C THR B 205 -3.20 -34.93 -61.63
N LEU B 206 -4.20 -35.58 -61.04
CA LEU B 206 -4.18 -37.00 -60.65
C LEU B 206 -5.18 -37.21 -59.52
N GLY B 207 -5.54 -36.11 -58.84
CA GLY B 207 -6.67 -36.16 -57.91
C GLY B 207 -6.44 -35.53 -56.54
N THR B 208 -5.20 -35.59 -56.07
CA THR B 208 -4.87 -35.15 -54.71
C THR B 208 -5.23 -33.69 -54.44
N VAL B 209 -5.97 -33.46 -53.36
CA VAL B 209 -6.34 -32.12 -52.96
C VAL B 209 -5.36 -31.55 -51.92
N LEU B 210 -4.62 -30.53 -52.32
CA LEU B 210 -3.61 -29.90 -51.47
C LEU B 210 -4.23 -28.99 -50.41
N GLN B 211 -4.86 -29.61 -49.40
CA GLN B 211 -5.53 -28.87 -48.33
C GLN B 211 -4.57 -28.20 -47.35
N LEU B 212 -4.70 -26.88 -47.23
CA LEU B 212 -4.01 -26.09 -46.21
C LEU B 212 -4.87 -25.94 -44.95
N LYS B 213 -4.75 -26.90 -44.04
CA LYS B 213 -5.56 -26.93 -42.81
C LYS B 213 -4.97 -26.08 -41.67
N GLN B 214 -3.73 -26.37 -41.28
CA GLN B 214 -3.10 -25.67 -40.18
C GLN B 214 -1.60 -25.47 -40.48
N PRO B 215 -1.01 -24.36 -40.00
CA PRO B 215 0.43 -24.17 -40.17
C PRO B 215 1.27 -25.20 -39.40
N LEU B 216 2.49 -25.42 -39.86
CA LEU B 216 3.45 -26.23 -39.14
C LEU B 216 3.76 -25.64 -37.75
N ASN B 217 3.59 -26.47 -36.72
CA ASN B 217 3.89 -26.05 -35.35
C ASN B 217 5.39 -25.88 -35.15
N THR B 218 5.82 -24.67 -34.77
CA THR B 218 7.23 -24.41 -34.52
C THR B 218 7.58 -23.98 -33.10
N THR B 219 6.63 -24.09 -32.19
CA THR B 219 6.81 -23.48 -30.86
C THR B 219 6.76 -24.50 -29.74
N ARG B 220 6.06 -25.60 -29.99
CA ARG B 220 6.00 -26.71 -29.04
C ARG B 220 7.39 -27.33 -28.87
N ILE B 221 7.83 -27.46 -27.62
CA ILE B 221 9.11 -28.11 -27.33
C ILE B 221 8.96 -29.23 -26.33
N ASN B 222 10.03 -29.97 -26.19
CA ASN B 222 10.15 -30.91 -25.08
C ASN B 222 10.61 -30.12 -23.85
N ALA B 223 9.87 -30.26 -22.75
CA ALA B 223 10.14 -29.49 -21.54
C ALA B 223 11.60 -29.63 -21.08
N ALA B 224 12.11 -30.86 -21.10
CA ALA B 224 13.53 -31.14 -20.88
C ALA B 224 14.50 -30.27 -21.68
N GLU B 225 14.07 -29.77 -22.84
CA GLU B 225 14.94 -28.98 -23.72
C GLU B 225 14.79 -27.45 -23.70
N ILE B 226 14.02 -26.92 -22.76
CA ILE B 226 13.69 -25.49 -22.75
C ILE B 226 14.91 -24.57 -22.72
N GLU B 227 15.98 -25.02 -22.09
CA GLU B 227 17.20 -24.22 -21.99
C GLU B 227 17.83 -23.95 -23.35
N SER B 228 17.79 -24.96 -24.22
CA SER B 228 18.35 -24.80 -25.55
C SER B 228 17.47 -23.85 -26.36
N ARG B 229 16.15 -24.03 -26.20
CA ARG B 229 15.16 -23.12 -26.78
C ARG B 229 15.35 -21.67 -26.36
N VAL B 230 15.52 -21.46 -25.05
CA VAL B 230 15.70 -20.13 -24.52
C VAL B 230 16.95 -19.50 -25.10
N ARG B 231 18.02 -20.27 -25.22
CA ARG B 231 19.26 -19.82 -25.86
C ARG B 231 18.99 -19.38 -27.29
N GLU B 232 18.26 -20.21 -28.04
CA GLU B 232 17.88 -19.91 -29.43
C GLU B 232 17.07 -18.62 -29.54
N LEU B 233 16.18 -18.39 -28.59
CA LEU B 233 15.30 -17.23 -28.61
C LEU B 233 15.94 -15.94 -28.07
N SER B 234 16.97 -16.09 -27.24
CA SER B 234 17.56 -14.97 -26.53
C SER B 234 18.45 -14.10 -27.40
N LYS B 235 19.13 -14.71 -28.37
CA LYS B 235 19.78 -13.93 -29.41
C LYS B 235 19.04 -14.18 -30.74
N GLY B 246 15.02 -13.41 -30.63
CA GLY B 246 13.74 -13.80 -31.31
C GLY B 246 12.56 -14.20 -30.39
N PHE B 247 12.68 -13.95 -29.09
CA PHE B 247 11.48 -13.90 -28.21
C PHE B 247 10.41 -12.95 -28.77
N TRP B 248 10.88 -11.81 -29.29
CA TRP B 248 10.02 -10.78 -29.87
C TRP B 248 9.19 -11.31 -31.05
N GLU B 249 9.83 -12.07 -31.94
CA GLU B 249 9.18 -12.62 -33.13
C GLU B 249 8.07 -13.61 -32.77
N GLU B 250 8.37 -14.49 -31.81
CA GLU B 250 7.38 -15.46 -31.33
C GLU B 250 6.21 -14.81 -30.58
N PHE B 251 6.47 -13.69 -29.91
CA PHE B 251 5.42 -12.89 -29.28
C PHE B 251 4.49 -12.21 -30.30
N GLU B 252 5.07 -11.60 -31.32
CA GLU B 252 4.30 -10.91 -32.35
C GLU B 252 3.44 -11.86 -33.20
N THR B 253 3.96 -13.08 -33.41
CA THR B 253 3.22 -14.14 -34.09
C THR B 253 2.03 -14.66 -33.25
N LEU B 254 2.19 -14.64 -31.93
CA LEU B 254 1.07 -14.84 -31.02
C LEU B 254 0.08 -13.67 -30.98
N GLN B 255 0.59 -12.45 -30.98
CA GLN B 255 -0.28 -11.27 -30.97
C GLN B 255 -1.21 -11.21 -32.18
N GLN B 256 -0.68 -11.49 -33.37
CA GLN B 256 -1.46 -11.51 -34.61
C GLN B 256 -2.72 -12.41 -34.58
N GLN B 257 -2.75 -13.36 -33.65
CA GLN B 257 -3.87 -14.29 -33.55
C GLN B 257 -4.98 -13.83 -32.63
N GLU B 258 -4.82 -12.66 -32.02
CA GLU B 258 -5.80 -12.16 -31.05
C GLU B 258 -7.08 -11.69 -31.74
N CYS B 259 -7.00 -11.40 -33.04
CA CYS B 259 -8.16 -11.08 -33.85
C CYS B 259 -9.23 -12.18 -33.84
N LYS B 260 -8.81 -13.41 -33.52
CA LYS B 260 -9.72 -14.56 -33.41
C LYS B 260 -10.52 -14.52 -32.11
N LEU B 261 -10.13 -13.65 -31.18
CA LEU B 261 -10.64 -13.72 -29.82
C LEU B 261 -11.56 -12.55 -29.44
N LEU B 262 -12.20 -11.96 -30.43
CA LEU B 262 -13.08 -10.82 -30.17
C LEU B 262 -14.51 -11.27 -29.80
N TYR B 263 -14.59 -12.07 -28.74
CA TYR B 263 -15.89 -12.59 -28.28
C TYR B 263 -16.67 -11.48 -27.58
N SER B 264 -17.97 -11.72 -27.40
CA SER B 264 -18.86 -10.70 -26.88
C SER B 264 -18.68 -10.49 -25.38
N ARG B 265 -18.76 -9.23 -24.98
CA ARG B 265 -18.71 -8.85 -23.58
C ARG B 265 -19.91 -7.97 -23.25
N LYS B 266 -21.12 -8.42 -23.59
CA LYS B 266 -22.33 -7.61 -23.42
C LYS B 266 -22.63 -7.25 -21.98
N GLU B 267 -22.64 -8.23 -21.10
CA GLU B 267 -23.00 -8.02 -19.71
C GLU B 267 -22.15 -6.95 -19.03
N GLY B 268 -20.86 -6.97 -19.32
CA GLY B 268 -19.95 -5.99 -18.76
C GLY B 268 -20.20 -4.59 -19.28
N GLN B 269 -20.89 -4.52 -20.42
CA GLN B 269 -21.24 -3.25 -21.06
C GLN B 269 -22.56 -2.64 -20.57
N ARG B 270 -23.36 -3.42 -19.85
CA ARG B 270 -24.64 -2.97 -19.37
C ARG B 270 -24.53 -1.80 -18.38
N GLN B 271 -25.54 -0.95 -18.35
CA GLN B 271 -25.51 0.28 -17.55
C GLN B 271 -25.32 0.00 -16.06
N GLU B 272 -26.06 -0.98 -15.56
CA GLU B 272 -25.96 -1.36 -14.16
C GLU B 272 -24.58 -1.91 -13.75
N ASN B 273 -23.78 -2.32 -14.73
CA ASN B 273 -22.49 -2.98 -14.50
C ASN B 273 -21.28 -2.07 -14.80
N LYS B 274 -21.54 -0.93 -15.41
CA LYS B 274 -20.45 -0.07 -15.88
C LYS B 274 -19.44 0.24 -14.80
N ASN B 275 -19.94 0.68 -13.64
CA ASN B 275 -19.06 1.11 -12.57
C ASN B 275 -18.61 -0.06 -11.66
N LYS B 276 -19.00 -1.28 -12.01
CA LYS B 276 -18.41 -2.48 -11.40
C LYS B 276 -17.10 -2.89 -12.09
N ASN B 277 -16.72 -2.16 -13.12
CA ASN B 277 -15.48 -2.40 -13.85
C ASN B 277 -14.45 -1.33 -13.50
N ARG B 278 -13.22 -1.76 -13.20
CA ARG B 278 -12.17 -0.81 -12.89
C ARG B 278 -11.78 -0.01 -14.13
N TYR B 279 -11.79 -0.66 -15.28
CA TYR B 279 -11.55 0.01 -16.55
C TYR B 279 -12.70 -0.28 -17.51
N LYS B 280 -13.42 0.79 -17.89
CA LYS B 280 -14.62 0.72 -18.73
C LYS B 280 -14.57 -0.31 -19.86
N ASN B 281 -13.44 -0.36 -20.57
CA ASN B 281 -13.34 -1.19 -21.78
C ASN B 281 -12.63 -2.53 -21.57
N ILE B 282 -12.24 -2.84 -20.33
CA ILE B 282 -11.63 -4.12 -20.02
C ILE B 282 -12.62 -5.01 -19.29
N LEU B 283 -13.25 -5.89 -20.07
CA LEU B 283 -14.45 -6.61 -19.67
C LEU B 283 -14.27 -8.12 -19.77
N PRO B 284 -15.04 -8.88 -18.99
CA PRO B 284 -15.03 -10.33 -19.11
C PRO B 284 -15.87 -10.82 -20.31
N PHE B 285 -15.40 -11.86 -20.99
CA PHE B 285 -16.22 -12.54 -22.00
C PHE B 285 -17.52 -13.08 -21.40
N ASP B 286 -18.62 -12.90 -22.10
CA ASP B 286 -19.89 -13.45 -21.64
C ASP B 286 -19.80 -14.95 -21.44
N HIS B 287 -19.11 -15.64 -22.35
CA HIS B 287 -19.17 -17.10 -22.33
C HIS B 287 -18.36 -17.77 -21.23
N THR B 288 -17.48 -17.00 -20.57
CA THR B 288 -16.71 -17.51 -19.42
C THR B 288 -16.79 -16.66 -18.14
N ARG B 289 -17.51 -15.54 -18.20
CA ARG B 289 -17.72 -14.66 -17.02
C ARG B 289 -18.18 -15.48 -15.82
N VAL B 290 -17.77 -15.08 -14.63
CA VAL B 290 -18.35 -15.65 -13.42
C VAL B 290 -19.73 -15.03 -13.14
N VAL B 291 -20.76 -15.88 -13.15
CA VAL B 291 -22.16 -15.45 -12.93
C VAL B 291 -22.59 -15.70 -11.48
N LEU B 292 -22.97 -14.64 -10.79
CA LEU B 292 -23.32 -14.74 -9.36
C LEU B 292 -24.80 -15.00 -9.19
N HIS B 293 -25.12 -16.12 -8.58
CA HIS B 293 -26.51 -16.56 -8.42
C HIS B 293 -27.06 -16.19 -7.04
N ASP B 294 -26.33 -15.38 -6.30
CA ASP B 294 -26.69 -15.08 -4.92
C ASP B 294 -27.78 -13.98 -4.81
N SER B 302 -28.01 -9.44 -7.88
CA SER B 302 -27.42 -9.08 -9.21
C SER B 302 -26.20 -9.95 -9.52
N ASP B 303 -25.98 -10.23 -10.81
CA ASP B 303 -25.26 -11.42 -11.21
C ASP B 303 -23.85 -11.20 -11.76
N TYR B 304 -23.31 -10.00 -11.59
CA TYR B 304 -22.12 -9.61 -12.32
C TYR B 304 -20.90 -9.36 -11.42
N ILE B 305 -19.75 -9.78 -11.92
CA ILE B 305 -18.44 -9.36 -11.42
C ILE B 305 -17.44 -9.49 -12.57
N ASN B 306 -16.52 -8.54 -12.67
CA ASN B 306 -15.50 -8.57 -13.71
C ASN B 306 -14.44 -9.65 -13.43
N ALA B 307 -14.80 -10.89 -13.79
CA ALA B 307 -14.02 -12.09 -13.52
C ALA B 307 -14.42 -13.20 -14.50
N ASN B 308 -13.45 -14.02 -14.87
CA ASN B 308 -13.66 -15.19 -15.76
C ASN B 308 -13.11 -16.49 -15.17
N ILE B 309 -13.83 -17.58 -15.36
CA ILE B 309 -13.29 -18.93 -15.09
C ILE B 309 -12.20 -19.25 -16.12
N ILE B 310 -11.02 -19.59 -15.67
CA ILE B 310 -10.00 -20.13 -16.58
C ILE B 310 -9.85 -21.65 -16.41
N MET B 311 -10.41 -22.39 -17.35
CA MET B 311 -10.27 -23.85 -17.43
C MET B 311 -9.14 -24.22 -18.41
N PRO B 312 -8.03 -24.80 -17.92
CA PRO B 312 -6.93 -25.27 -18.78
C PRO B 312 -7.34 -26.37 -19.78
N LYS B 324 -7.55 -30.01 -14.17
CA LYS B 324 -8.30 -30.19 -12.88
C LYS B 324 -8.26 -28.97 -11.95
N LYS B 325 -7.08 -28.40 -11.70
CA LYS B 325 -7.01 -27.07 -11.12
C LYS B 325 -7.52 -26.06 -12.14
N SER B 326 -8.52 -25.28 -11.75
CA SER B 326 -8.92 -24.11 -12.54
C SER B 326 -8.69 -22.82 -11.75
N TYR B 327 -8.85 -21.71 -12.45
CA TYR B 327 -8.61 -20.38 -11.89
C TYR B 327 -9.82 -19.47 -12.14
N ILE B 328 -10.01 -18.49 -11.26
CA ILE B 328 -10.82 -17.34 -11.59
C ILE B 328 -9.84 -16.18 -11.71
N ALA B 329 -9.74 -15.61 -12.91
CA ALA B 329 -8.91 -14.43 -13.11
C ALA B 329 -9.78 -13.17 -12.98
N THR B 330 -9.41 -12.30 -12.06
CA THR B 330 -10.26 -11.14 -11.78
C THR B 330 -9.47 -9.85 -11.51
N GLN B 331 -10.16 -8.72 -11.47
CA GLN B 331 -9.53 -7.43 -11.17
C GLN B 331 -9.36 -7.27 -9.66
N GLY B 332 -8.58 -6.27 -9.25
CA GLY B 332 -8.63 -5.88 -7.85
C GLY B 332 -9.99 -5.29 -7.50
N CYS B 333 -10.48 -5.53 -6.30
CA CYS B 333 -11.73 -4.91 -5.84
C CYS B 333 -11.77 -3.40 -5.95
N LEU B 334 -12.92 -2.88 -6.38
CA LEU B 334 -13.29 -1.48 -6.14
C LEU B 334 -14.13 -1.45 -4.85
N GLN B 335 -14.30 -0.27 -4.24
CA GLN B 335 -15.02 -0.25 -2.96
C GLN B 335 -16.43 -0.77 -3.08
N ASN B 336 -16.99 -0.69 -4.28
CA ASN B 336 -18.35 -1.14 -4.52
C ASN B 336 -18.45 -2.55 -5.10
N THR B 337 -17.32 -3.24 -5.19
CA THR B 337 -17.36 -4.66 -5.61
C THR B 337 -16.80 -5.63 -4.56
N VAL B 338 -16.36 -5.10 -3.42
CA VAL B 338 -15.80 -5.92 -2.34
C VAL B 338 -16.81 -6.98 -1.92
N ASN B 339 -18.07 -6.58 -1.80
CA ASN B 339 -19.10 -7.52 -1.39
C ASN B 339 -19.33 -8.61 -2.45
N ASP B 340 -19.25 -8.23 -3.72
CA ASP B 340 -19.49 -9.18 -4.80
C ASP B 340 -18.32 -10.17 -4.93
N PHE B 341 -17.11 -9.67 -4.68
CA PHE B 341 -15.93 -10.52 -4.63
C PHE B 341 -16.07 -11.68 -3.64
N TRP B 342 -16.51 -11.40 -2.42
CA TRP B 342 -16.72 -12.45 -1.43
C TRP B 342 -17.92 -13.38 -1.74
N ARG B 343 -18.96 -12.83 -2.37
CA ARG B 343 -20.04 -13.64 -2.96
C ARG B 343 -19.47 -14.68 -3.94
N MET B 344 -18.58 -14.22 -4.81
CA MET B 344 -17.90 -15.09 -5.78
C MET B 344 -17.03 -16.18 -5.09
N VAL B 345 -16.14 -15.75 -4.20
CA VAL B 345 -15.27 -16.68 -3.45
C VAL B 345 -16.09 -17.76 -2.75
N PHE B 346 -17.19 -17.33 -2.13
CA PHE B 346 -18.08 -18.25 -1.44
C PHE B 346 -18.78 -19.20 -2.41
N GLN B 347 -19.45 -18.64 -3.41
CA GLN B 347 -20.20 -19.42 -4.38
C GLN B 347 -19.34 -20.48 -5.07
N GLU B 348 -18.17 -20.06 -5.52
CA GLU B 348 -17.31 -20.90 -6.34
C GLU B 348 -16.45 -21.85 -5.49
N ASN B 349 -16.58 -21.74 -4.18
CA ASN B 349 -15.87 -22.58 -3.23
C ASN B 349 -14.35 -22.45 -3.32
N SER B 350 -13.90 -21.27 -3.71
CA SER B 350 -12.47 -20.95 -3.76
C SER B 350 -11.87 -20.93 -2.35
N ARG B 351 -10.69 -21.54 -2.21
CA ARG B 351 -10.07 -21.64 -0.91
C ARG B 351 -8.70 -21.00 -0.88
N VAL B 352 -8.26 -20.50 -2.04
CA VAL B 352 -6.97 -19.84 -2.16
C VAL B 352 -7.11 -18.63 -3.09
N ILE B 353 -6.54 -17.50 -2.65
CA ILE B 353 -6.50 -16.26 -3.42
C ILE B 353 -5.04 -15.87 -3.63
N VAL B 354 -4.69 -15.49 -4.86
CA VAL B 354 -3.37 -14.97 -5.16
C VAL B 354 -3.49 -13.49 -5.59
N MET B 355 -2.85 -12.61 -4.84
CA MET B 355 -2.92 -11.19 -5.11
C MET B 355 -1.52 -10.73 -5.51
N THR B 356 -1.41 -10.16 -6.70
CA THR B 356 -0.10 -9.90 -7.31
C THR B 356 0.20 -8.40 -7.44
N THR B 357 -0.27 -7.62 -6.46
CA THR B 357 -0.15 -6.17 -6.49
C THR B 357 -0.22 -5.63 -5.05
N LYS B 358 0.38 -4.48 -4.80
CA LYS B 358 0.04 -3.71 -3.59
C LYS B 358 -1.37 -3.09 -3.74
N GLU B 359 -1.97 -2.68 -2.64
CA GLU B 359 -3.25 -1.96 -2.73
C GLU B 359 -3.11 -0.70 -3.57
N VAL B 360 -1.96 -0.01 -3.45
CA VAL B 360 -1.66 1.12 -4.31
C VAL B 360 -0.21 1.11 -4.78
N GLU B 361 0.01 1.50 -6.03
CA GLU B 361 1.36 1.61 -6.59
C GLU B 361 1.47 2.87 -7.44
N ARG B 362 2.56 3.60 -7.27
CA ARG B 362 2.75 4.89 -7.93
C ARG B 362 1.59 5.87 -7.64
N GLY B 363 1.09 5.81 -6.41
CA GLY B 363 0.06 6.74 -6.00
C GLY B 363 -1.35 6.35 -6.42
N LYS B 364 -1.45 5.40 -7.34
CA LYS B 364 -2.76 4.96 -7.82
C LYS B 364 -3.27 3.69 -7.10
N SER B 365 -4.58 3.60 -6.92
CA SER B 365 -5.20 2.42 -6.29
C SER B 365 -5.35 1.25 -7.25
N LYS B 366 -4.77 0.12 -6.89
CA LYS B 366 -4.84 -1.11 -7.70
C LYS B 366 -5.87 -2.08 -7.15
N CYS B 367 -6.17 -1.97 -5.87
CA CYS B 367 -7.09 -2.88 -5.21
C CYS B 367 -7.45 -2.26 -3.86
N VAL B 368 -8.73 -2.23 -3.55
CA VAL B 368 -9.13 -1.82 -2.21
C VAL B 368 -9.00 -3.00 -1.25
N LYS B 369 -8.62 -2.69 -0.01
CA LYS B 369 -8.52 -3.68 1.04
C LYS B 369 -9.84 -4.42 1.24
N TYR B 370 -9.89 -5.68 0.83
CA TYR B 370 -11.10 -6.49 0.97
C TYR B 370 -11.06 -7.50 2.13
N TRP B 371 -10.04 -7.39 2.97
CA TRP B 371 -9.87 -8.31 4.09
C TRP B 371 -9.76 -7.52 5.40
N PRO B 372 -10.20 -8.11 6.52
CA PRO B 372 -10.05 -7.48 7.83
C PRO B 372 -8.59 -7.36 8.27
N ASP B 373 -8.31 -6.46 9.20
CA ASP B 373 -7.01 -6.46 9.86
C ASP B 373 -6.85 -7.73 10.66
N GLU B 374 -5.60 -8.11 10.91
CA GLU B 374 -5.31 -9.32 11.68
C GLU B 374 -6.14 -9.36 12.96
N TYR B 375 -6.85 -10.47 13.15
CA TYR B 375 -7.67 -10.76 14.34
C TYR B 375 -9.07 -10.15 14.33
N ALA B 376 -9.31 -9.28 13.36
CA ALA B 376 -10.60 -8.60 13.22
C ALA B 376 -11.63 -9.45 12.48
N LEU B 377 -12.89 -9.10 12.70
CA LEU B 377 -14.02 -9.71 12.00
C LEU B 377 -14.81 -8.61 11.27
N LYS B 378 -15.18 -8.85 10.02
CA LYS B 378 -15.98 -7.90 9.28
C LYS B 378 -17.08 -8.59 8.51
N GLU B 379 -18.20 -7.89 8.35
CA GLU B 379 -19.25 -8.32 7.43
C GLU B 379 -19.21 -7.54 6.11
N TYR B 380 -19.08 -8.27 5.02
CA TYR B 380 -19.13 -7.68 3.70
C TYR B 380 -20.43 -8.14 3.04
N GLY B 381 -21.48 -7.39 3.27
CA GLY B 381 -22.80 -7.83 2.84
C GLY B 381 -23.26 -9.02 3.65
N VAL B 382 -23.74 -10.05 2.97
CA VAL B 382 -24.19 -11.25 3.67
C VAL B 382 -23.01 -12.15 4.05
N MET B 383 -21.81 -11.75 3.69
CA MET B 383 -20.61 -12.56 3.92
C MET B 383 -19.82 -12.02 5.10
N ARG B 384 -19.28 -12.92 5.90
CA ARG B 384 -18.56 -12.53 7.11
C ARG B 384 -17.17 -13.16 7.06
N VAL B 385 -16.13 -12.36 7.22
CA VAL B 385 -14.79 -12.93 7.26
C VAL B 385 -13.94 -12.42 8.42
N ARG B 386 -13.26 -13.36 9.07
CA ARG B 386 -12.25 -12.99 10.05
C ARG B 386 -10.82 -13.29 9.62
N ASN B 387 -9.93 -12.33 9.83
CA ASN B 387 -8.53 -12.53 9.54
C ASN B 387 -7.88 -13.25 10.72
N VAL B 388 -7.79 -14.56 10.62
CA VAL B 388 -7.35 -15.40 11.73
C VAL B 388 -5.87 -15.14 12.11
N LYS B 389 -5.03 -15.01 11.10
CA LYS B 389 -3.59 -14.89 11.33
C LYS B 389 -2.92 -14.41 10.06
N GLU B 390 -1.93 -13.54 10.20
CA GLU B 390 -1.07 -13.20 9.07
C GLU B 390 0.36 -13.72 9.27
N SER B 391 0.95 -14.24 8.20
CA SER B 391 2.34 -14.69 8.24
C SER B 391 3.17 -13.97 7.19
N ALA B 392 4.11 -13.17 7.65
CA ALA B 392 4.94 -12.40 6.71
C ALA B 392 6.16 -13.17 6.25
N ALA B 393 6.34 -13.26 4.94
CA ALA B 393 7.61 -13.69 4.37
C ALA B 393 8.22 -12.49 3.67
N HIS B 394 9.36 -12.65 3.01
CA HIS B 394 9.99 -11.51 2.38
C HIS B 394 9.24 -10.99 1.16
N ASP B 395 8.78 -11.90 0.31
CA ASP B 395 8.10 -11.50 -0.93
C ASP B 395 6.58 -11.44 -0.84
N TYR B 396 6.01 -12.03 0.19
CA TYR B 396 4.57 -12.09 0.28
C TYR B 396 4.12 -12.14 1.72
N THR B 397 2.83 -11.90 1.92
CA THR B 397 2.17 -12.10 3.21
C THR B 397 1.03 -13.09 3.01
N LEU B 398 0.95 -14.06 3.91
CA LEU B 398 -0.14 -15.01 3.91
C LEU B 398 -1.17 -14.61 4.95
N ARG B 399 -2.44 -14.56 4.56
CA ARG B 399 -3.50 -14.30 5.50
C ARG B 399 -4.48 -15.46 5.57
N GLU B 400 -4.63 -16.03 6.75
CA GLU B 400 -5.60 -17.09 6.96
C GLU B 400 -6.97 -16.47 7.28
N LEU B 401 -7.90 -16.53 6.33
CA LEU B 401 -9.21 -15.92 6.47
C LEU B 401 -10.28 -16.98 6.65
N LYS B 402 -11.22 -16.75 7.55
CA LYS B 402 -12.38 -17.63 7.66
C LYS B 402 -13.65 -16.96 7.13
N LEU B 403 -14.24 -17.56 6.10
CA LEU B 403 -15.39 -17.00 5.39
C LEU B 403 -16.66 -17.82 5.63
N SER B 404 -17.71 -17.14 6.06
CA SER B 404 -19.00 -17.77 6.28
C SER B 404 -20.16 -16.87 5.82
N LYS B 405 -21.31 -17.45 5.57
CA LYS B 405 -22.52 -16.68 5.31
C LYS B 405 -23.16 -16.26 6.63
N VAL B 406 -23.32 -14.96 6.81
CA VAL B 406 -24.04 -14.42 7.96
C VAL B 406 -25.37 -15.16 8.16
N GLY B 407 -25.65 -15.58 9.39
CA GLY B 407 -26.90 -16.27 9.67
C GLY B 407 -26.83 -17.77 9.52
N GLN B 408 -25.76 -18.26 8.90
CA GLN B 408 -25.59 -19.68 8.64
C GLN B 408 -24.26 -20.22 9.14
N GLY B 409 -24.25 -20.70 10.37
CA GLY B 409 -23.09 -21.40 10.89
C GLY B 409 -22.94 -22.72 10.16
N ASN B 410 -21.71 -23.18 10.01
CA ASN B 410 -21.41 -24.41 9.25
C ASN B 410 -21.44 -24.20 7.73
N THR B 411 -21.33 -22.94 7.29
CA THR B 411 -20.99 -22.62 5.90
C THR B 411 -19.56 -22.11 5.88
N GLU B 412 -18.94 -22.13 7.05
CA GLU B 412 -17.60 -21.61 7.23
C GLU B 412 -16.53 -22.42 6.49
N ARG B 413 -15.61 -21.72 5.83
CA ARG B 413 -14.42 -22.37 5.28
C ARG B 413 -13.25 -21.39 5.34
N THR B 414 -12.04 -21.93 5.44
CA THR B 414 -10.83 -21.13 5.41
C THR B 414 -10.43 -20.80 3.98
N VAL B 415 -10.09 -19.53 3.76
CA VAL B 415 -9.59 -19.06 2.49
C VAL B 415 -8.24 -18.45 2.76
N TRP B 416 -7.23 -18.91 2.04
CA TRP B 416 -5.85 -18.53 2.27
C TRP B 416 -5.46 -17.49 1.23
N GLN B 417 -5.25 -16.27 1.69
CA GLN B 417 -4.87 -15.21 0.77
C GLN B 417 -3.35 -15.06 0.69
N TYR B 418 -2.79 -15.41 -0.44
CA TYR B 418 -1.37 -15.21 -0.66
C TYR B 418 -1.14 -13.88 -1.34
N HIS B 419 -0.68 -12.90 -0.57
CA HIS B 419 -0.51 -11.55 -1.09
C HIS B 419 0.94 -11.31 -1.46
N PHE B 420 1.24 -11.43 -2.75
CA PHE B 420 2.58 -11.15 -3.26
C PHE B 420 2.81 -9.65 -3.32
N ARG B 421 3.85 -9.19 -2.64
CA ARG B 421 4.04 -7.76 -2.38
C ARG B 421 5.16 -7.12 -3.21
N THR B 422 6.07 -7.93 -3.73
CA THR B 422 7.31 -7.41 -4.31
C THR B 422 7.39 -7.38 -5.85
N TRP B 423 6.27 -7.47 -6.53
CA TRP B 423 6.32 -7.26 -7.97
C TRP B 423 6.76 -5.81 -8.24
N PRO B 424 7.84 -5.64 -9.02
CA PRO B 424 8.41 -4.31 -9.25
C PRO B 424 7.45 -3.38 -10.01
N ASP B 425 7.71 -2.07 -9.94
CA ASP B 425 6.88 -1.13 -10.70
C ASP B 425 7.14 -1.23 -12.21
N HIS B 426 8.39 -1.44 -12.60
CA HIS B 426 8.74 -1.69 -14.01
C HIS B 426 8.97 -3.17 -14.27
N GLY B 427 8.30 -3.71 -15.27
CA GLY B 427 8.66 -5.03 -15.76
C GLY B 427 8.23 -6.16 -14.84
N VAL B 428 9.06 -7.19 -14.74
CA VAL B 428 8.73 -8.37 -13.95
C VAL B 428 9.84 -8.69 -12.94
N PRO B 429 9.53 -9.53 -11.92
CA PRO B 429 10.54 -10.10 -11.02
C PRO B 429 11.81 -10.60 -11.73
N SER B 430 12.97 -10.34 -11.15
CA SER B 430 14.25 -10.76 -11.74
C SER B 430 14.92 -11.93 -11.01
N ASP B 431 14.23 -12.51 -10.03
CA ASP B 431 14.74 -13.68 -9.32
C ASP B 431 13.75 -14.86 -9.35
N PRO B 432 14.03 -15.88 -10.18
CA PRO B 432 13.02 -16.93 -10.34
C PRO B 432 12.86 -17.75 -9.07
N GLY B 433 13.86 -17.68 -8.19
CA GLY B 433 13.84 -18.43 -6.95
C GLY B 433 12.64 -18.12 -6.08
N GLY B 434 12.47 -16.85 -5.72
CA GLY B 434 11.35 -16.47 -4.86
C GLY B 434 9.98 -16.59 -5.49
N VAL B 435 9.92 -16.31 -6.79
CA VAL B 435 8.71 -16.46 -7.58
C VAL B 435 8.23 -17.93 -7.60
N LEU B 436 9.18 -18.85 -7.78
CA LEU B 436 8.86 -20.27 -7.82
C LEU B 436 8.61 -20.84 -6.44
N ASP B 437 9.28 -20.31 -5.42
CA ASP B 437 8.96 -20.64 -4.03
C ASP B 437 7.51 -20.29 -3.68
N PHE B 438 7.13 -19.06 -3.99
CA PHE B 438 5.76 -18.59 -3.79
C PHE B 438 4.76 -19.45 -4.56
N LEU B 439 5.06 -19.69 -5.83
CA LEU B 439 4.20 -20.50 -6.70
C LEU B 439 4.00 -21.92 -6.16
N GLU B 440 5.09 -22.53 -5.71
CA GLU B 440 5.09 -23.88 -5.13
C GLU B 440 4.27 -23.98 -3.85
N GLU B 441 4.40 -22.95 -3.01
CA GLU B 441 3.62 -22.84 -1.76
C GLU B 441 2.11 -22.73 -2.01
N VAL B 442 1.73 -21.81 -2.90
CA VAL B 442 0.34 -21.63 -3.31
C VAL B 442 -0.20 -22.96 -3.87
N HIS B 443 0.61 -23.62 -4.69
CA HIS B 443 0.20 -24.88 -5.30
C HIS B 443 -0.08 -25.93 -4.22
N HIS B 444 0.83 -26.03 -3.26
CA HIS B 444 0.71 -27.09 -2.25
C HIS B 444 -0.43 -26.86 -1.27
N LYS B 445 -0.72 -25.59 -1.00
CA LYS B 445 -1.90 -25.24 -0.21
C LYS B 445 -3.20 -25.69 -0.89
N GLN B 446 -3.37 -25.35 -2.17
CA GLN B 446 -4.55 -25.76 -2.94
C GLN B 446 -4.71 -27.29 -3.00
N GLU B 447 -3.61 -27.99 -3.25
CA GLU B 447 -3.61 -29.44 -3.39
C GLU B 447 -3.98 -30.17 -2.10
N SER B 448 -3.67 -29.56 -0.95
CA SER B 448 -3.98 -30.18 0.34
C SER B 448 -5.42 -30.05 0.79
N ILE B 449 -6.21 -29.25 0.07
CA ILE B 449 -7.60 -28.95 0.46
C ILE B 449 -8.60 -29.73 -0.41
N MET B 450 -9.29 -30.68 0.20
CA MET B 450 -10.27 -31.50 -0.52
C MET B 450 -11.41 -30.66 -1.09
N ASP B 451 -11.62 -30.78 -2.41
CA ASP B 451 -12.75 -30.15 -3.09
C ASP B 451 -12.68 -28.62 -3.13
N ALA B 452 -11.47 -28.09 -2.98
CA ALA B 452 -11.25 -26.65 -3.14
C ALA B 452 -11.68 -26.22 -4.54
N GLY B 453 -12.30 -25.06 -4.65
CA GLY B 453 -12.70 -24.56 -5.95
C GLY B 453 -11.57 -23.87 -6.68
N PRO B 454 -11.87 -23.13 -7.76
CA PRO B 454 -10.84 -22.42 -8.53
C PRO B 454 -9.89 -21.62 -7.64
N VAL B 455 -8.63 -21.52 -8.02
CA VAL B 455 -7.72 -20.60 -7.38
C VAL B 455 -8.01 -19.19 -7.92
N VAL B 456 -8.42 -18.28 -7.05
CA VAL B 456 -8.66 -16.89 -7.47
C VAL B 456 -7.35 -16.14 -7.62
N VAL B 457 -7.12 -15.54 -8.79
CA VAL B 457 -5.93 -14.74 -9.02
C VAL B 457 -6.31 -13.32 -9.50
N HIS B 458 -5.67 -12.29 -8.93
CA HIS B 458 -5.95 -10.91 -9.37
C HIS B 458 -4.80 -9.92 -9.25
N CYS B 459 -4.85 -8.91 -10.10
CA CYS B 459 -3.93 -7.77 -10.02
C CYS B 459 -4.77 -6.49 -10.13
N SER B 460 -4.39 -5.55 -11.00
CA SER B 460 -5.19 -4.35 -11.18
C SER B 460 -6.35 -4.59 -12.16
N ALA B 461 -6.04 -4.68 -13.45
CA ALA B 461 -7.06 -5.05 -14.44
C ALA B 461 -7.38 -6.55 -14.52
N GLY B 462 -6.50 -7.39 -13.96
CA GLY B 462 -6.73 -8.82 -13.96
C GLY B 462 -6.34 -9.58 -15.24
N ILE B 463 -5.43 -9.03 -16.04
CA ILE B 463 -5.05 -9.68 -17.30
C ILE B 463 -3.53 -9.78 -17.51
N GLY B 464 -2.79 -8.79 -17.00
CA GLY B 464 -1.35 -8.78 -17.21
C GLY B 464 -0.58 -9.67 -16.26
N ARG B 465 -0.34 -9.17 -15.06
CA ARG B 465 0.27 -9.94 -13.99
C ARG B 465 -0.53 -11.20 -13.71
N THR B 466 -1.85 -11.08 -13.66
CA THR B 466 -2.75 -12.23 -13.48
C THR B 466 -2.61 -13.32 -14.54
N GLY B 467 -2.59 -12.93 -15.81
CA GLY B 467 -2.41 -13.87 -16.90
C GLY B 467 -1.05 -14.55 -16.87
N THR B 468 -0.02 -13.79 -16.53
CA THR B 468 1.34 -14.32 -16.45
C THR B 468 1.51 -15.39 -15.37
N PHE B 469 1.07 -15.08 -14.15
CA PHE B 469 1.04 -16.09 -13.08
C PHE B 469 0.28 -17.35 -13.54
N ILE B 470 -0.96 -17.18 -13.98
CA ILE B 470 -1.78 -18.34 -14.33
C ILE B 470 -1.13 -19.24 -15.40
N VAL B 471 -0.58 -18.63 -16.45
CA VAL B 471 0.04 -19.37 -17.53
C VAL B 471 1.28 -20.14 -17.07
N ILE B 472 2.15 -19.48 -16.31
CA ILE B 472 3.27 -20.15 -15.63
C ILE B 472 2.81 -21.33 -14.77
N ASP B 473 1.82 -21.11 -13.93
CA ASP B 473 1.30 -22.16 -13.06
C ASP B 473 0.74 -23.34 -13.86
N ILE B 474 0.15 -23.06 -15.01
CA ILE B 474 -0.41 -24.10 -15.86
C ILE B 474 0.69 -24.97 -16.47
N LEU B 475 1.72 -24.31 -16.99
CA LEU B 475 2.87 -24.98 -17.60
C LEU B 475 3.64 -25.81 -16.58
N ILE B 476 3.90 -25.24 -15.42
CA ILE B 476 4.57 -25.98 -14.36
C ILE B 476 3.72 -27.14 -13.82
N ASP B 477 2.40 -26.99 -13.83
CA ASP B 477 1.52 -28.10 -13.48
C ASP B 477 1.61 -29.27 -14.48
N ILE B 478 1.81 -28.94 -15.76
CA ILE B 478 2.00 -29.95 -16.80
C ILE B 478 3.29 -30.75 -16.55
N ILE B 479 4.39 -30.05 -16.34
CA ILE B 479 5.66 -30.68 -16.00
C ILE B 479 5.57 -31.49 -14.71
N ARG B 480 5.02 -30.91 -13.65
CA ARG B 480 4.94 -31.61 -12.36
C ARG B 480 4.11 -32.90 -12.39
N GLU B 481 3.21 -33.02 -13.36
CA GLU B 481 2.41 -34.24 -13.49
C GLU B 481 2.97 -35.25 -14.52
N LYS B 482 3.31 -34.74 -15.70
CA LYS B 482 3.81 -35.58 -16.79
C LYS B 482 5.32 -35.76 -16.80
N GLY B 483 6.01 -35.22 -15.79
CA GLY B 483 7.45 -35.35 -15.73
C GLY B 483 8.16 -34.43 -16.70
N VAL B 484 9.49 -34.35 -16.57
CA VAL B 484 10.29 -33.42 -17.37
C VAL B 484 10.37 -33.72 -18.88
N ASP B 485 9.85 -34.87 -19.28
CA ASP B 485 9.90 -35.33 -20.67
C ASP B 485 8.74 -34.86 -21.56
N CYS B 486 7.78 -34.16 -20.98
CA CYS B 486 6.58 -33.76 -21.71
C CYS B 486 6.81 -32.62 -22.71
N ASP B 487 5.91 -32.50 -23.67
CA ASP B 487 5.87 -31.34 -24.55
C ASP B 487 5.13 -30.19 -23.87
N ILE B 488 5.66 -28.99 -24.04
CA ILE B 488 4.91 -27.78 -23.69
C ILE B 488 4.96 -26.79 -24.85
N ASP B 489 3.93 -25.96 -24.93
CA ASP B 489 3.82 -24.99 -26.01
C ASP B 489 3.38 -23.64 -25.40
N VAL B 490 4.33 -22.73 -25.22
CA VAL B 490 4.04 -21.49 -24.51
C VAL B 490 3.03 -20.57 -25.21
N PRO B 491 3.26 -20.22 -26.50
CA PRO B 491 2.27 -19.42 -27.25
C PRO B 491 0.89 -20.06 -27.32
N LYS B 492 0.84 -21.38 -27.55
CA LYS B 492 -0.44 -22.08 -27.61
C LYS B 492 -1.22 -22.06 -26.30
N THR B 493 -0.52 -22.24 -25.18
CA THR B 493 -1.14 -22.16 -23.87
C THR B 493 -1.68 -20.76 -23.60
N ILE B 494 -0.92 -19.72 -23.94
CA ILE B 494 -1.37 -18.31 -23.81
C ILE B 494 -2.62 -18.00 -24.64
N GLN B 495 -2.58 -18.35 -25.93
CA GLN B 495 -3.76 -18.24 -26.79
C GLN B 495 -4.99 -18.97 -26.25
N MET B 496 -4.81 -20.18 -25.74
CA MET B 496 -5.89 -20.90 -25.07
C MET B 496 -6.48 -20.17 -23.86
N VAL B 497 -5.63 -19.52 -23.08
CA VAL B 497 -6.07 -18.76 -21.91
C VAL B 497 -6.69 -17.41 -22.30
N ARG B 498 -6.17 -16.79 -23.36
CA ARG B 498 -6.73 -15.54 -23.91
C ARG B 498 -8.11 -15.70 -24.54
N SER B 499 -8.51 -16.94 -24.81
CA SER B 499 -9.84 -17.19 -25.34
C SER B 499 -10.85 -17.28 -24.20
N GLN B 500 -10.34 -17.22 -22.98
CA GLN B 500 -11.20 -17.24 -21.79
C GLN B 500 -11.24 -15.90 -21.03
N ARG B 501 -10.25 -15.05 -21.23
CA ARG B 501 -10.29 -13.66 -20.76
C ARG B 501 -9.37 -12.79 -21.59
N SER B 502 -9.81 -11.57 -21.92
CA SER B 502 -9.10 -10.71 -22.88
C SER B 502 -7.70 -10.34 -22.44
N GLY B 503 -6.75 -10.46 -23.35
CA GLY B 503 -5.42 -9.93 -23.11
C GLY B 503 -4.61 -10.60 -22.01
N MET B 504 -4.92 -11.85 -21.68
CA MET B 504 -4.13 -12.61 -20.71
C MET B 504 -2.66 -12.74 -21.14
N VAL B 505 -1.75 -12.28 -20.28
CA VAL B 505 -0.38 -11.93 -20.64
C VAL B 505 -0.34 -10.70 -21.55
N GLN B 506 0.26 -9.62 -21.06
CA GLN B 506 0.18 -8.32 -21.72
C GLN B 506 1.43 -7.91 -22.52
N THR B 507 2.60 -8.15 -21.95
CA THR B 507 3.81 -7.63 -22.56
C THR B 507 4.80 -8.71 -22.97
N GLU B 508 5.81 -8.28 -23.71
CA GLU B 508 6.87 -9.16 -24.17
C GLU B 508 7.76 -9.58 -22.99
N ALA B 509 7.97 -8.63 -22.07
CA ALA B 509 8.74 -8.89 -20.85
C ALA B 509 8.10 -10.01 -20.03
N GLN B 510 6.78 -10.00 -19.92
CA GLN B 510 6.07 -11.05 -19.24
C GLN B 510 6.16 -12.35 -20.03
N TYR B 511 6.10 -12.24 -21.35
CA TYR B 511 6.18 -13.42 -22.21
C TYR B 511 7.50 -14.19 -22.02
N ARG B 512 8.62 -13.48 -22.16
CA ARG B 512 9.93 -14.00 -21.80
C ARG B 512 9.99 -14.56 -20.37
N SER B 513 9.38 -13.85 -19.42
CA SER B 513 9.36 -14.26 -18.01
C SER B 513 8.76 -15.65 -17.79
N ILE B 514 7.78 -16.00 -18.61
CA ILE B 514 7.15 -17.32 -18.57
C ILE B 514 8.15 -18.43 -18.94
N TYR B 515 8.97 -18.15 -19.95
CA TYR B 515 10.02 -19.09 -20.35
C TYR B 515 11.05 -19.22 -19.25
N MET B 516 11.56 -18.09 -18.77
CA MET B 516 12.53 -18.06 -17.68
C MET B 516 12.06 -18.82 -16.44
N ALA B 517 10.80 -18.66 -16.06
CA ALA B 517 10.24 -19.33 -14.89
C ALA B 517 10.21 -20.85 -15.06
N VAL B 518 9.78 -21.30 -16.23
CA VAL B 518 9.74 -22.73 -16.53
C VAL B 518 11.15 -23.27 -16.65
N GLN B 519 12.06 -22.45 -17.18
CA GLN B 519 13.46 -22.86 -17.29
C GLN B 519 14.04 -23.13 -15.91
N HIS B 520 13.90 -22.14 -15.03
CA HIS B 520 14.38 -22.25 -13.66
C HIS B 520 13.78 -23.47 -12.95
N TYR B 521 12.46 -23.60 -13.02
CA TYR B 521 11.81 -24.78 -12.45
C TYR B 521 12.43 -26.08 -12.97
N ILE B 522 12.62 -26.19 -14.29
CA ILE B 522 13.23 -27.37 -14.89
C ILE B 522 14.65 -27.55 -14.36
N GLU B 523 15.44 -26.47 -14.37
CA GLU B 523 16.85 -26.56 -14.01
C GLU B 523 17.07 -26.65 -12.50
N THR B 524 15.99 -26.57 -11.72
CA THR B 524 16.04 -26.94 -10.30
C THR B 524 15.32 -28.26 -10.07
N LEU B 525 15.35 -29.12 -11.10
CA LEU B 525 14.90 -30.50 -10.99
C LEU B 525 15.93 -31.39 -11.70
#